data_6G3W
#
_entry.id   6G3W
#
_cell.length_a   50.184
_cell.length_b   52.155
_cell.length_c   308.892
_cell.angle_alpha   90.00
_cell.angle_beta   90.00
_cell.angle_gamma   90.00
#
_symmetry.space_group_name_H-M   'P 21 21 21'
#
loop_
_entity.id
_entity.type
_entity.pdbx_description
1 polymer 'Somatic embryogenesis receptor kinase 2'
2 polymer 'Probable inactive receptor kinase At1g27190'
3 branched beta-D-mannopyranose-(1-4)-2-acetamido-2-deoxy-beta-D-glucopyranose-(1-4)-2-acetamido-2-deoxy-beta-D-glucopyranose
4 non-polymer 2-acetamido-2-deoxy-beta-D-glucopyranose
5 non-polymer DI(HYDROXYETHYL)ETHER
6 non-polymer 1,2-ETHANEDIOL
7 water water
#
loop_
_entity_poly.entity_id
_entity_poly.type
_entity_poly.pdbx_seq_one_letter_code
_entity_poly.pdbx_strand_id
1 'polypeptide(L)'
;SSNMEGDALHSLRANLVDPNNVLQSWDPTLVNPCTWFHVTCNNENSVIRVDLGNADLSGQLVPQLGQLKNLQYLELYSNN
ITGPVPSDLGNLTNLVSLDLYLNSFTGPIPDSLGKLFKLRFLRLNNNSLTGPIPMSLTNIMTLQVLDLSNNRLSGSVPDN
GSFSLFTPISFANNLDLCGPVTSRPCPGSLENLYFQGAWSHPQFEKGSHHHHHHHHH
;
A,C
2 'polypeptide(L)'
;EDDVLCLQGLKNSLIDPSSRLSSWSFPNSSASSICKLTGVSCWNEKENRIISLQLQSMQLAGEIPESLKLCRSLQSLDLS
GNDLSGSIPSQICSWLPYLVTLDLSGNKLGGSIPTQIVECKFLNALILSDNKLSGSIPSQLSRLDRLRRLSLAGNDLSGT
IPSELARFGGDDFSGNNGLCGKPLSRCGALENLYFQ
;
B,D
#
loop_
_chem_comp.id
_chem_comp.type
_chem_comp.name
_chem_comp.formula
BMA D-saccharide, beta linking beta-D-mannopyranose 'C6 H12 O6'
EDO non-polymer 1,2-ETHANEDIOL 'C2 H6 O2'
NAG D-saccharide, beta linking 2-acetamido-2-deoxy-beta-D-glucopyranose 'C8 H15 N O6'
PEG non-polymer DI(HYDROXYETHYL)ETHER 'C4 H10 O3'
#
# COMPACT_ATOMS: atom_id res chain seq x y z
N ASN A 3 0.50 16.27 -23.49
CA ASN A 3 1.68 16.49 -22.61
C ASN A 3 1.70 15.42 -21.50
N MET A 4 2.79 14.66 -21.47
CA MET A 4 2.93 13.53 -20.57
C MET A 4 2.91 13.92 -19.09
N GLU A 5 3.54 15.05 -18.76
CA GLU A 5 3.56 15.55 -17.39
C GLU A 5 2.15 15.99 -16.92
N GLY A 6 1.40 16.61 -17.80
CA GLY A 6 0.02 16.99 -17.52
C GLY A 6 -0.90 15.81 -17.31
N ASP A 7 -0.72 14.77 -18.13
CA ASP A 7 -1.45 13.50 -17.99
C ASP A 7 -1.19 12.83 -16.66
N ALA A 8 0.09 12.76 -16.28
CA ALA A 8 0.46 12.19 -15.00
C ALA A 8 -0.19 12.92 -13.84
N LEU A 9 -0.26 14.24 -13.90
CA LEU A 9 -0.89 15.01 -12.82
C LEU A 9 -2.42 14.93 -12.84
N HIS A 10 -3.01 14.87 -14.04
CA HIS A 10 -4.42 14.58 -14.13
C HIS A 10 -4.77 13.19 -13.59
N SER A 11 -3.93 12.19 -13.86
CA SER A 11 -4.13 10.88 -13.24
C SER A 11 -4.13 10.97 -11.72
N LEU A 12 -3.20 11.76 -11.19
CA LEU A 12 -3.11 11.93 -9.75
C LEU A 12 -4.38 12.58 -9.22
N ARG A 13 -4.85 13.63 -9.89
CA ARG A 13 -6.12 14.24 -9.50
C ARG A 13 -7.28 13.25 -9.49
N ALA A 14 -7.36 12.42 -10.52
CA ALA A 14 -8.41 11.38 -10.61
C ALA A 14 -8.40 10.42 -9.40
N ASN A 15 -7.23 10.17 -8.82
CA ASN A 15 -7.08 9.27 -7.67
C ASN A 15 -7.08 9.93 -6.28
N LEU A 16 -7.08 11.27 -6.28
CA LEU A 16 -7.19 12.02 -5.03
C LEU A 16 -8.64 12.39 -4.77
N VAL A 17 -8.98 12.53 -3.49
CA VAL A 17 -10.29 13.02 -3.08
C VAL A 17 -10.06 14.42 -2.52
N ASP A 18 -10.76 15.41 -3.07
CA ASP A 18 -10.43 16.81 -2.95
C ASP A 18 -11.61 17.62 -2.46
N PRO A 19 -11.92 17.55 -1.15
CA PRO A 19 -13.12 18.22 -0.65
C PRO A 19 -13.11 19.75 -0.79
N ASN A 20 -11.93 20.37 -0.67
CA ASN A 20 -11.79 21.82 -0.76
C ASN A 20 -11.50 22.32 -2.17
N ASN A 21 -11.50 21.41 -3.15
CA ASN A 21 -11.33 21.76 -4.57
C ASN A 21 -10.00 22.50 -4.82
N VAL A 22 -8.93 22.07 -4.16
CA VAL A 22 -7.63 22.71 -4.37
C VAL A 22 -7.06 22.37 -5.74
N LEU A 23 -7.60 21.33 -6.38
CA LEU A 23 -7.19 20.90 -7.70
C LEU A 23 -8.12 21.41 -8.80
N GLN A 24 -8.99 22.36 -8.49
CA GLN A 24 -9.99 22.88 -9.45
C GLN A 24 -9.39 23.39 -10.77
N SER A 25 -8.28 24.10 -10.67
CA SER A 25 -7.54 24.61 -11.81
C SER A 25 -6.86 23.55 -12.68
N TRP A 26 -6.78 22.31 -12.21
CA TRP A 26 -6.06 21.25 -12.91
C TRP A 26 -6.91 20.78 -14.09
N ASP A 27 -6.86 21.56 -15.16
CA ASP A 27 -7.65 21.37 -16.36
C ASP A 27 -6.81 20.55 -17.35
N PRO A 28 -7.24 19.30 -17.66
CA PRO A 28 -6.45 18.42 -18.53
C PRO A 28 -6.31 18.89 -19.99
N THR A 29 -7.18 19.81 -20.43
CA THR A 29 -7.24 20.21 -21.82
C THR A 29 -6.14 21.21 -22.20
N LEU A 30 -5.48 21.79 -21.20
CA LEU A 30 -4.39 22.73 -21.45
C LEU A 30 -3.14 22.02 -22.01
N VAL A 31 -2.29 22.81 -22.66
CA VAL A 31 -1.08 22.32 -23.36
C VAL A 31 -0.08 21.69 -22.40
N ASN A 32 -0.03 22.21 -21.16
CA ASN A 32 0.82 21.69 -20.11
C ASN A 32 0.18 22.05 -18.76
N PRO A 33 0.72 21.53 -17.66
CA PRO A 33 0.18 21.90 -16.35
C PRO A 33 0.82 23.14 -15.68
N CYS A 34 1.55 23.96 -16.45
CA CYS A 34 2.35 25.02 -15.88
C CYS A 34 1.55 26.20 -15.31
N THR A 35 0.31 26.40 -15.75
CA THR A 35 -0.58 27.41 -15.20
C THR A 35 -1.40 26.91 -14.01
N TRP A 36 -1.28 25.64 -13.65
CA TRP A 36 -2.16 25.06 -12.61
C TRP A 36 -1.70 25.49 -11.22
N PHE A 37 -2.61 25.86 -10.32
CA PHE A 37 -2.21 26.20 -8.95
C PHE A 37 -1.54 24.98 -8.29
N HIS A 38 -0.49 25.24 -7.50
CA HIS A 38 0.25 24.24 -6.75
C HIS A 38 1.26 23.45 -7.57
N VAL A 39 1.40 23.79 -8.85
CA VAL A 39 2.40 23.23 -9.73
C VAL A 39 3.34 24.34 -10.17
N THR A 40 4.64 24.10 -10.07
CA THR A 40 5.62 25.04 -10.58
C THR A 40 6.37 24.39 -11.74
N CYS A 41 6.43 25.08 -12.85
CA CYS A 41 7.32 24.73 -13.95
C CYS A 41 8.55 25.60 -14.02
N ASN A 42 9.63 25.07 -14.57
CA ASN A 42 10.81 25.86 -14.88
C ASN A 42 10.61 26.64 -16.18
N ASN A 43 11.65 27.37 -16.58
CA ASN A 43 11.67 28.16 -17.81
C ASN A 43 11.38 27.40 -19.10
N GLU A 44 11.72 26.12 -19.12
CA GLU A 44 11.46 25.26 -20.27
C GLU A 44 10.09 24.49 -20.17
N ASN A 45 9.20 25.00 -19.31
CA ASN A 45 7.83 24.51 -19.13
C ASN A 45 7.71 23.07 -18.62
N SER A 46 8.71 22.62 -17.87
CA SER A 46 8.72 21.30 -17.25
C SER A 46 8.51 21.40 -15.73
N VAL A 47 7.77 20.44 -15.18
CA VAL A 47 7.39 20.49 -13.78
C VAL A 47 8.60 20.30 -12.84
N ILE A 48 8.77 21.26 -11.93
CA ILE A 48 9.83 21.15 -10.92
C ILE A 48 9.28 21.07 -9.52
N ARG A 49 8.04 21.51 -9.29
CA ARG A 49 7.47 21.36 -7.92
C ARG A 49 6.01 20.95 -7.96
N VAL A 50 5.61 20.17 -6.96
CA VAL A 50 4.20 19.99 -6.66
C VAL A 50 4.03 20.28 -5.18
N ASP A 51 3.31 21.36 -4.87
CA ASP A 51 3.17 21.84 -3.49
C ASP A 51 1.75 21.72 -2.99
N LEU A 52 1.48 20.60 -2.34
CA LEU A 52 0.14 20.23 -1.96
C LEU A 52 0.09 19.83 -0.50
N GLY A 53 0.87 20.50 0.33
CA GLY A 53 0.73 20.34 1.77
C GLY A 53 -0.54 20.96 2.32
N ASN A 54 -1.03 20.39 3.43
CA ASN A 54 -2.17 20.94 4.18
C ASN A 54 -3.40 21.19 3.35
N ALA A 55 -3.66 20.30 2.40
CA ALA A 55 -4.68 20.52 1.40
C ALA A 55 -5.93 19.68 1.66
N ASP A 56 -6.01 19.03 2.82
CA ASP A 56 -7.11 18.11 3.16
C ASP A 56 -7.36 16.99 2.11
N LEU A 57 -6.30 16.56 1.45
CA LEU A 57 -6.41 15.53 0.44
C LEU A 57 -6.49 14.12 1.04
N SER A 58 -7.33 13.29 0.45
CA SER A 58 -7.31 11.86 0.71
C SER A 58 -7.23 11.16 -0.63
N GLY A 59 -7.36 9.83 -0.62
CA GLY A 59 -7.15 9.04 -1.82
C GLY A 59 -5.75 8.47 -1.82
N GLN A 60 -5.25 8.18 -3.02
CA GLN A 60 -3.98 7.45 -3.16
C GLN A 60 -3.15 8.04 -4.29
N LEU A 61 -1.84 7.83 -4.21
CA LEU A 61 -0.93 8.23 -5.28
C LEU A 61 -1.01 7.26 -6.43
N VAL A 62 -0.46 7.67 -7.56
CA VAL A 62 -0.44 6.87 -8.78
C VAL A 62 1.00 6.75 -9.25
N PRO A 63 1.33 5.64 -9.91
CA PRO A 63 2.71 5.45 -10.40
C PRO A 63 3.13 6.44 -11.49
N GLN A 64 2.18 7.11 -12.13
CA GLN A 64 2.51 8.06 -13.20
C GLN A 64 3.32 9.32 -12.71
N LEU A 65 3.32 9.57 -11.40
CA LEU A 65 4.13 10.65 -10.84
C LEU A 65 5.62 10.56 -11.22
N GLY A 66 6.10 9.32 -11.39
CA GLY A 66 7.46 9.03 -11.81
C GLY A 66 7.84 9.53 -13.18
N GLN A 67 6.87 9.98 -13.98
CA GLN A 67 7.12 10.62 -15.29
C GLN A 67 7.54 12.10 -15.21
N LEU A 68 7.44 12.70 -14.03
CA LEU A 68 7.84 14.09 -13.81
C LEU A 68 9.35 14.15 -13.58
N LYS A 69 10.07 14.06 -14.68
CA LYS A 69 11.48 13.76 -14.63
C LYS A 69 12.35 14.90 -14.09
N ASN A 70 11.85 16.15 -14.14
CA ASN A 70 12.61 17.26 -13.61
C ASN A 70 12.10 17.70 -12.24
N LEU A 71 11.28 16.88 -11.62
CA LEU A 71 10.70 17.23 -10.31
C LEU A 71 11.78 17.40 -9.25
N GLN A 72 11.77 18.55 -8.56
CA GLN A 72 12.74 18.88 -7.52
C GLN A 72 12.11 18.81 -6.15
N TYR A 73 10.85 19.22 -6.05
CA TYR A 73 10.13 19.24 -4.77
C TYR A 73 8.78 18.53 -4.88
N LEU A 74 8.59 17.49 -4.06
CA LEU A 74 7.32 16.78 -3.98
C LEU A 74 6.82 16.95 -2.57
N GLU A 75 5.91 17.88 -2.37
CA GLU A 75 5.43 18.23 -1.05
C GLU A 75 3.97 17.83 -0.96
N LEU A 76 3.72 16.75 -0.25
CA LEU A 76 2.39 16.17 -0.09
C LEU A 76 2.09 15.96 1.38
N TYR A 77 2.84 16.66 2.23
CA TYR A 77 2.77 16.45 3.67
C TYR A 77 1.49 16.99 4.27
N SER A 78 1.09 16.39 5.39
CA SER A 78 -0.06 16.80 6.20
C SER A 78 -1.36 16.78 5.41
N ASN A 79 -1.69 15.57 4.98
CA ASN A 79 -2.95 15.25 4.32
C ASN A 79 -3.43 13.93 4.93
N ASN A 80 -4.36 13.25 4.24
CA ASN A 80 -4.81 11.93 4.62
C ASN A 80 -4.71 10.93 3.48
N ILE A 81 -3.58 10.94 2.78
CA ILE A 81 -3.39 10.07 1.63
C ILE A 81 -3.05 8.68 2.12
N THR A 82 -3.73 7.68 1.54
CA THR A 82 -3.52 6.27 1.87
C THR A 82 -2.81 5.57 0.72
N GLY A 83 -2.62 4.26 0.84
CA GLY A 83 -2.02 3.47 -0.23
C GLY A 83 -0.52 3.45 -0.09
N PRO A 84 0.16 2.80 -1.04
CA PRO A 84 1.59 2.66 -0.94
C PRO A 84 2.33 3.89 -1.48
N VAL A 85 3.62 3.96 -1.18
CA VAL A 85 4.52 4.89 -1.84
C VAL A 85 4.95 4.22 -3.13
N PRO A 86 4.57 4.78 -4.28
CA PRO A 86 4.88 4.02 -5.48
C PRO A 86 6.39 3.90 -5.74
N SER A 87 6.82 2.73 -6.18
CA SER A 87 8.21 2.49 -6.56
C SER A 87 8.75 3.45 -7.61
N ASP A 88 7.84 3.90 -8.47
CA ASP A 88 8.16 4.77 -9.59
C ASP A 88 8.68 6.15 -9.16
N LEU A 89 8.44 6.53 -7.90
CA LEU A 89 9.05 7.73 -7.33
C LEU A 89 10.58 7.69 -7.40
N GLY A 90 11.17 6.50 -7.43
CA GLY A 90 12.62 6.35 -7.58
C GLY A 90 13.14 6.73 -8.96
N ASN A 91 12.26 6.94 -9.94
CA ASN A 91 12.67 7.51 -11.24
C ASN A 91 12.88 9.02 -11.20
N LEU A 92 12.42 9.70 -10.14
CA LEU A 92 12.51 11.15 -10.05
C LEU A 92 13.90 11.58 -9.61
N THR A 93 14.90 11.45 -10.47
CA THR A 93 16.28 11.53 -10.03
C THR A 93 16.77 12.93 -9.75
N ASN A 94 16.00 13.96 -10.14
CA ASN A 94 16.33 15.36 -9.80
C ASN A 94 15.69 15.84 -8.50
N LEU A 95 15.11 14.92 -7.77
CA LEU A 95 14.34 15.31 -6.60
C LEU A 95 15.28 15.70 -5.47
N VAL A 96 15.04 16.85 -4.84
CA VAL A 96 15.81 17.22 -3.65
C VAL A 96 15.02 17.07 -2.34
N SER A 97 13.70 17.16 -2.44
CA SER A 97 12.83 17.05 -1.28
C SER A 97 11.67 16.11 -1.60
N LEU A 98 11.54 15.07 -0.76
CA LEU A 98 10.43 14.12 -0.84
C LEU A 98 9.78 14.10 0.53
N ASP A 99 8.64 14.79 0.62
CA ASP A 99 7.96 15.07 1.86
C ASP A 99 6.55 14.47 1.83
N LEU A 100 6.42 13.26 2.39
CA LEU A 100 5.14 12.56 2.42
C LEU A 100 4.65 12.36 3.84
N TYR A 101 5.24 13.11 4.77
CA TYR A 101 4.97 12.95 6.18
C TYR A 101 3.58 13.46 6.57
N LEU A 102 3.09 12.90 7.68
CA LEU A 102 1.74 13.16 8.18
C LEU A 102 0.68 12.81 7.17
N ASN A 103 0.61 11.51 6.87
CA ASN A 103 -0.36 10.94 5.95
C ASN A 103 -0.75 9.55 6.52
N SER A 104 -1.41 8.70 5.73
CA SER A 104 -1.68 7.31 6.12
C SER A 104 -1.11 6.29 5.12
N PHE A 105 0.07 6.58 4.61
CA PHE A 105 0.74 5.67 3.71
C PHE A 105 1.03 4.37 4.46
N THR A 106 0.82 3.27 3.76
CA THR A 106 1.08 1.95 4.27
C THR A 106 2.03 1.25 3.28
N GLY A 107 2.41 0.02 3.58
CA GLY A 107 3.31 -0.70 2.71
C GLY A 107 4.76 -0.33 2.92
N PRO A 108 5.65 -0.87 2.09
CA PRO A 108 7.08 -0.70 2.38
C PRO A 108 7.67 0.60 1.86
N ILE A 109 8.87 0.91 2.32
CA ILE A 109 9.67 1.96 1.69
C ILE A 109 10.29 1.27 0.47
N PRO A 110 10.01 1.77 -0.72
CA PRO A 110 10.61 1.08 -1.86
C PRO A 110 12.13 1.26 -1.95
N ASP A 111 12.82 0.17 -2.28
CA ASP A 111 14.27 0.16 -2.47
C ASP A 111 14.70 1.18 -3.55
N SER A 112 13.86 1.42 -4.55
CA SER A 112 14.13 2.39 -5.61
C SER A 112 14.39 3.84 -5.14
N LEU A 113 14.02 4.20 -3.89
CA LEU A 113 14.33 5.52 -3.34
C LEU A 113 15.86 5.76 -3.16
N GLY A 114 16.62 4.66 -3.08
CA GLY A 114 18.08 4.69 -3.12
C GLY A 114 18.70 5.20 -4.41
N LYS A 115 17.92 5.27 -5.50
CA LYS A 115 18.38 5.90 -6.75
C LYS A 115 18.27 7.44 -6.80
N LEU A 116 17.70 8.05 -5.77
CA LEU A 116 17.51 9.50 -5.73
C LEU A 116 18.76 10.18 -5.17
N PHE A 117 19.77 10.29 -6.02
CA PHE A 117 21.15 10.60 -5.58
C PHE A 117 21.42 12.07 -5.23
N LYS A 118 20.49 12.95 -5.59
CA LYS A 118 20.53 14.34 -5.22
C LYS A 118 19.64 14.66 -4.01
N LEU A 119 18.98 13.66 -3.44
CA LEU A 119 18.00 13.94 -2.41
C LEU A 119 18.63 14.51 -1.12
N ARG A 120 18.04 15.59 -0.62
CA ARG A 120 18.48 16.20 0.62
C ARG A 120 17.49 15.98 1.76
N PHE A 121 16.19 16.00 1.46
CA PHE A 121 15.18 15.86 2.48
C PHE A 121 14.30 14.63 2.17
N LEU A 122 14.33 13.67 3.10
CA LEU A 122 13.46 12.51 3.03
C LEU A 122 12.69 12.43 4.32
N ARG A 123 11.43 12.84 4.28
CA ARG A 123 10.58 12.86 5.47
C ARG A 123 9.27 12.14 5.16
N LEU A 124 9.24 10.91 5.65
CA LEU A 124 8.12 9.97 5.51
C LEU A 124 7.55 9.65 6.88
N ASN A 125 7.91 10.44 7.88
CA ASN A 125 7.47 10.23 9.26
C ASN A 125 5.97 10.40 9.41
N ASN A 126 5.43 9.78 10.44
CA ASN A 126 4.01 9.87 10.75
C ASN A 126 3.13 9.29 9.61
N ASN A 127 3.33 8.00 9.39
CA ASN A 127 2.57 7.21 8.41
C ASN A 127 2.41 5.81 9.04
N SER A 128 2.11 4.79 8.24
CA SER A 128 2.09 3.40 8.71
C SER A 128 2.93 2.49 7.79
N LEU A 129 4.14 2.93 7.50
CA LEU A 129 5.03 2.19 6.63
C LEU A 129 5.60 0.97 7.36
N THR A 130 5.76 -0.14 6.67
CA THR A 130 6.20 -1.40 7.29
C THR A 130 7.44 -1.91 6.60
N GLY A 131 8.03 -2.93 7.20
CA GLY A 131 9.16 -3.59 6.59
C GLY A 131 10.47 -2.90 6.91
N PRO A 132 11.53 -3.27 6.21
CA PRO A 132 12.85 -2.82 6.58
C PRO A 132 13.18 -1.45 5.99
N ILE A 133 14.14 -0.75 6.59
CA ILE A 133 14.66 0.48 6.00
C ILE A 133 15.61 0.00 4.89
N PRO A 134 15.35 0.37 3.64
CA PRO A 134 16.22 -0.12 2.58
C PRO A 134 17.64 0.38 2.75
N MET A 135 18.58 -0.52 2.59
CA MET A 135 19.98 -0.24 2.78
C MET A 135 20.50 0.72 1.70
N SER A 136 19.92 0.69 0.51
CA SER A 136 20.29 1.62 -0.58
C SER A 136 20.18 3.12 -0.23
N LEU A 137 19.39 3.45 0.79
CA LEU A 137 19.31 4.84 1.29
C LEU A 137 20.63 5.37 1.86
N THR A 138 21.53 4.48 2.30
CA THR A 138 22.83 4.89 2.80
C THR A 138 23.75 5.39 1.68
N ASN A 139 23.45 5.02 0.42
CA ASN A 139 24.21 5.49 -0.74
C ASN A 139 23.91 6.95 -1.11
N ILE A 140 22.81 7.52 -0.63
CA ILE A 140 22.47 8.90 -0.97
C ILE A 140 23.32 9.85 -0.12
N MET A 141 24.41 10.34 -0.69
CA MET A 141 25.42 11.07 0.12
C MET A 141 25.04 12.54 0.34
N THR A 142 24.01 13.00 -0.36
CA THR A 142 23.50 14.37 -0.25
C THR A 142 22.44 14.51 0.83
N LEU A 143 22.13 13.42 1.53
CA LEU A 143 21.00 13.43 2.44
C LEU A 143 21.30 14.25 3.71
N GLN A 144 20.50 15.30 3.95
CA GLN A 144 20.71 16.22 5.07
C GLN A 144 19.76 15.98 6.26
N VAL A 145 18.49 15.71 5.95
CA VAL A 145 17.45 15.45 6.92
C VAL A 145 16.71 14.17 6.53
N LEU A 146 16.68 13.22 7.46
CA LEU A 146 15.95 11.96 7.34
C LEU A 146 15.04 11.83 8.53
N ASP A 147 13.75 11.64 8.27
CA ASP A 147 12.81 11.33 9.34
C ASP A 147 11.86 10.20 8.91
N LEU A 148 12.03 9.03 9.57
CA LEU A 148 11.18 7.87 9.36
C LEU A 148 10.43 7.51 10.65
N SER A 149 10.37 8.43 11.60
CA SER A 149 9.78 8.16 12.90
C SER A 149 8.26 8.05 12.80
N ASN A 150 7.66 7.39 13.78
CA ASN A 150 6.21 7.22 13.82
C ASN A 150 5.70 6.47 12.61
N ASN A 151 6.27 5.29 12.39
CA ASN A 151 5.83 4.35 11.36
C ASN A 151 5.72 2.97 12.02
N ARG A 152 5.65 1.89 11.22
CA ARG A 152 5.64 0.54 11.75
C ARG A 152 6.80 -0.26 11.12
N LEU A 153 7.96 0.37 11.02
CA LEU A 153 9.14 -0.25 10.43
C LEU A 153 9.79 -1.22 11.39
N SER A 154 10.59 -2.13 10.84
CA SER A 154 11.24 -3.16 11.63
C SER A 154 12.61 -3.58 11.07
N GLY A 155 13.40 -4.19 11.94
CA GLY A 155 14.68 -4.72 11.54
C GLY A 155 15.80 -3.76 11.82
N SER A 156 16.91 -4.00 11.14
CA SER A 156 18.15 -3.36 11.47
C SER A 156 18.19 -1.92 10.90
N VAL A 157 18.69 -0.99 11.70
CA VAL A 157 18.90 0.40 11.26
C VAL A 157 20.36 0.59 10.88
N PRO A 158 20.64 0.96 9.61
CA PRO A 158 22.03 1.25 9.21
C PRO A 158 22.69 2.42 9.95
N ASP A 159 24.00 2.36 10.10
CA ASP A 159 24.76 3.50 10.61
C ASP A 159 25.93 3.91 9.70
N ASN A 160 26.01 3.29 8.52
CA ASN A 160 27.10 3.57 7.56
C ASN A 160 26.61 4.43 6.40
N GLY A 161 27.54 5.01 5.65
CA GLY A 161 27.24 5.93 4.57
C GLY A 161 26.67 7.23 5.13
N SER A 162 25.61 7.72 4.50
CA SER A 162 24.95 8.92 4.96
C SER A 162 24.26 8.74 6.32
N PHE A 163 23.95 7.50 6.71
CA PHE A 163 23.29 7.21 7.99
C PHE A 163 24.15 7.43 9.23
N SER A 164 25.45 7.73 9.07
CA SER A 164 26.27 8.28 10.16
C SER A 164 25.73 9.62 10.73
N LEU A 165 25.07 10.41 9.89
CA LEU A 165 24.51 11.70 10.32
C LEU A 165 23.22 11.57 11.16
N PHE A 166 22.67 10.34 11.28
CA PHE A 166 21.33 10.21 11.81
C PHE A 166 21.34 9.48 13.14
N THR A 167 20.36 9.84 13.96
CA THR A 167 20.35 9.54 15.38
C THR A 167 19.03 8.87 15.66
N PRO A 168 18.80 8.42 16.90
CA PRO A 168 17.50 7.82 17.22
C PRO A 168 16.25 8.71 16.95
N ILE A 169 16.41 10.03 16.90
CA ILE A 169 15.32 10.94 16.53
C ILE A 169 14.71 10.62 15.18
N SER A 170 15.52 10.22 14.20
CA SER A 170 15.03 9.87 12.87
C SER A 170 14.20 8.58 12.78
N PHE A 171 14.35 7.71 13.78
CA PHE A 171 13.82 6.35 13.75
C PHE A 171 12.86 6.04 14.89
N ALA A 172 12.52 7.03 15.73
CA ALA A 172 11.78 6.74 16.95
C ALA A 172 10.34 6.30 16.69
N ASN A 173 9.80 5.57 17.66
CA ASN A 173 8.40 5.11 17.65
C ASN A 173 8.07 4.30 16.39
N ASN A 174 8.81 3.22 16.19
CA ASN A 174 8.53 2.24 15.14
C ASN A 174 8.10 0.91 15.73
N LEU A 175 7.81 -0.07 14.88
CA LEU A 175 7.35 -1.35 15.36
C LEU A 175 8.46 -2.17 16.02
N ASP A 176 9.58 -2.40 15.30
CA ASP A 176 10.60 -3.26 15.85
C ASP A 176 11.94 -3.04 15.21
N LEU A 177 12.44 -1.82 15.29
CA LEU A 177 13.75 -1.53 14.75
C LEU A 177 14.77 -1.96 15.76
N CYS A 178 15.91 -2.35 15.26
CA CYS A 178 16.97 -2.78 16.13
C CYS A 178 18.26 -2.27 15.59
N GLY A 179 19.25 -2.21 16.46
CA GLY A 179 20.55 -1.74 16.05
C GLY A 179 21.13 -0.84 17.08
N PRO A 180 22.42 -0.59 16.95
CA PRO A 180 23.16 0.23 17.88
C PRO A 180 22.52 1.58 18.00
N VAL A 181 22.03 2.15 16.91
CA VAL A 181 21.40 3.47 16.99
C VAL A 181 20.12 3.40 17.82
N THR A 182 19.38 2.28 17.76
CA THR A 182 18.16 2.09 18.59
C THR A 182 18.56 1.64 19.97
N SER A 183 17.59 1.51 20.88
CA SER A 183 17.85 0.94 22.22
C SER A 183 18.28 -0.54 22.13
N ARG A 184 17.46 -1.34 21.43
CA ARG A 184 17.65 -2.78 21.31
C ARG A 184 18.67 -3.23 20.24
N PRO A 185 19.58 -4.13 20.61
CA PRO A 185 20.45 -4.70 19.57
C PRO A 185 19.76 -5.86 18.83
N CYS A 186 20.21 -6.13 17.61
CA CYS A 186 19.62 -7.13 16.75
C CYS A 186 20.03 -8.57 17.09
N PRO A 187 19.12 -9.53 16.82
CA PRO A 187 19.51 -10.95 16.82
C PRO A 187 20.23 -11.30 15.51
N GLU B 1 5.21 25.02 23.40
CA GLU B 1 6.16 23.91 23.05
C GLU B 1 7.56 24.19 23.62
N ASP B 2 8.28 23.11 23.93
CA ASP B 2 9.58 23.19 24.58
C ASP B 2 10.61 23.98 23.72
N ASP B 3 10.61 23.74 22.42
CA ASP B 3 11.50 24.46 21.50
C ASP B 3 11.34 26.00 21.49
N VAL B 4 10.13 26.50 21.67
CA VAL B 4 9.92 27.96 21.78
C VAL B 4 10.53 28.48 23.08
N LEU B 5 10.36 27.75 24.18
CA LEU B 5 10.95 28.12 25.45
C LEU B 5 12.46 27.99 25.43
N CYS B 6 13.00 27.03 24.68
CA CYS B 6 14.44 26.98 24.43
C CYS B 6 14.99 28.31 23.84
N LEU B 7 14.36 28.82 22.79
CA LEU B 7 14.82 30.03 22.15
C LEU B 7 14.55 31.27 23.03
N GLN B 8 13.40 31.32 23.71
CA GLN B 8 13.13 32.43 24.68
C GLN B 8 14.18 32.54 25.77
N GLY B 9 14.55 31.41 26.35
CA GLY B 9 15.54 31.35 27.43
C GLY B 9 16.94 31.65 26.95
N LEU B 10 17.25 31.20 25.74
CA LEU B 10 18.54 31.46 25.11
C LEU B 10 18.70 32.98 24.86
N LYS B 11 17.66 33.62 24.37
CA LYS B 11 17.67 35.06 24.15
C LYS B 11 17.73 35.86 25.47
N ASN B 12 16.97 35.43 26.47
CA ASN B 12 17.01 36.06 27.77
C ASN B 12 18.37 35.89 28.49
N SER B 13 19.08 34.78 28.32
CA SER B 13 20.31 34.53 29.07
C SER B 13 21.60 35.05 28.38
N LEU B 14 21.64 35.08 27.05
CA LEU B 14 22.83 35.60 26.35
C LEU B 14 22.90 37.11 26.39
N ILE B 15 24.11 37.63 26.26
CA ILE B 15 24.33 39.07 26.16
C ILE B 15 24.41 39.40 24.68
N ASP B 16 23.65 40.40 24.25
CA ASP B 16 23.45 40.69 22.86
C ASP B 16 23.61 42.18 22.55
N PRO B 17 24.84 42.71 22.69
CA PRO B 17 25.08 44.16 22.59
C PRO B 17 24.75 44.80 21.23
N SER B 18 24.83 44.04 20.15
CA SER B 18 24.47 44.55 18.81
C SER B 18 23.05 44.22 18.43
N SER B 19 22.24 43.69 19.36
CA SER B 19 20.83 43.38 19.10
C SER B 19 20.63 42.43 17.90
N ARG B 20 21.50 41.43 17.75
CA ARG B 20 21.43 40.52 16.61
C ARG B 20 20.26 39.52 16.70
N LEU B 21 19.72 39.31 17.89
CA LEU B 21 18.55 38.47 18.06
C LEU B 21 17.28 39.35 18.25
N SER B 22 17.29 40.59 17.77
CA SER B 22 16.14 41.47 17.91
C SER B 22 14.93 40.97 17.14
N SER B 23 15.17 40.34 15.98
CA SER B 23 14.09 39.87 15.11
C SER B 23 13.32 38.68 15.71
N TRP B 24 13.92 37.97 16.66
CA TRP B 24 13.23 36.92 17.41
C TRP B 24 12.13 37.53 18.27
N SER B 25 10.89 37.28 17.87
CA SER B 25 9.74 37.63 18.71
C SER B 25 8.91 36.36 18.97
N PHE B 26 8.07 36.43 19.99
CA PHE B 26 7.23 35.32 20.41
C PHE B 26 5.79 35.78 20.66
N PRO B 27 5.10 36.31 19.60
CA PRO B 27 3.79 36.96 19.72
C PRO B 27 2.67 36.06 20.24
N ASN B 28 2.77 34.75 20.00
CA ASN B 28 1.79 33.79 20.51
C ASN B 28 2.36 32.99 21.69
N SER B 29 3.27 33.60 22.45
CA SER B 29 3.88 33.01 23.65
C SER B 29 4.60 31.67 23.36
N SER B 30 4.34 30.65 24.17
CA SER B 30 4.88 29.29 23.99
C SER B 30 4.45 28.60 22.66
N ALA B 31 3.35 29.06 22.06
CA ALA B 31 2.79 28.47 20.84
C ALA B 31 3.24 29.19 19.55
N SER B 32 4.18 30.13 19.66
CA SER B 32 4.69 30.85 18.49
C SER B 32 5.45 29.93 17.53
N SER B 33 5.23 30.15 16.24
CA SER B 33 6.02 29.48 15.22
C SER B 33 7.42 30.12 15.15
N ILE B 34 8.45 29.32 15.32
CA ILE B 34 9.82 29.81 15.42
C ILE B 34 10.71 29.35 14.29
N CYS B 35 10.15 28.63 13.30
CA CYS B 35 10.95 28.01 12.24
C CYS B 35 11.56 28.99 11.21
N LYS B 36 11.01 30.19 11.10
CA LYS B 36 11.59 31.25 10.26
C LYS B 36 12.45 32.29 11.03
N LEU B 37 12.74 32.05 12.30
CA LEU B 37 13.62 32.99 13.03
C LEU B 37 15.04 32.78 12.54
N THR B 38 15.80 33.87 12.49
CA THR B 38 17.16 33.80 11.95
C THR B 38 17.99 32.87 12.82
N GLY B 39 18.75 31.99 12.17
CA GLY B 39 19.56 31.02 12.86
C GLY B 39 18.91 29.70 13.14
N VAL B 40 17.61 29.58 12.84
CA VAL B 40 16.82 28.38 13.20
C VAL B 40 16.47 27.55 11.98
N SER B 41 16.74 26.25 12.03
CA SER B 41 16.20 25.29 11.06
C SER B 41 15.38 24.26 11.78
N CYS B 42 14.17 24.04 11.28
CA CYS B 42 13.25 23.06 11.87
C CYS B 42 13.29 21.74 11.12
N TRP B 43 12.95 20.66 11.82
CA TRP B 43 12.85 19.32 11.25
C TRP B 43 11.90 19.31 10.08
N ASN B 44 10.73 19.94 10.25
CA ASN B 44 9.70 19.91 9.25
C ASN B 44 8.85 21.17 9.37
N GLU B 45 7.85 21.31 8.50
CA GLU B 45 7.05 22.51 8.43
C GLU B 45 5.70 22.39 9.17
N LYS B 46 5.58 21.40 10.05
CA LYS B 46 4.39 21.18 10.85
C LYS B 46 4.57 21.23 12.37
N GLU B 47 5.80 21.40 12.82
CA GLU B 47 6.11 21.43 14.24
C GLU B 47 7.23 22.42 14.44
N ASN B 48 7.40 22.83 15.70
CA ASN B 48 8.47 23.71 16.11
C ASN B 48 9.71 22.96 16.55
N ARG B 49 9.83 21.68 16.23
CA ARG B 49 11.05 20.94 16.59
C ARG B 49 12.27 21.43 15.78
N ILE B 50 13.29 21.93 16.49
CA ILE B 50 14.50 22.50 15.91
C ILE B 50 15.57 21.44 15.70
N ILE B 51 16.12 21.37 14.48
CA ILE B 51 17.21 20.42 14.15
C ILE B 51 18.59 21.09 14.26
N SER B 52 18.69 22.39 13.96
CA SER B 52 19.97 23.08 14.06
C SER B 52 19.84 24.55 14.40
N LEU B 53 20.81 25.03 15.17
CA LEU B 53 20.92 26.43 15.52
C LEU B 53 22.23 26.93 14.99
N GLN B 54 22.15 27.88 14.06
CA GLN B 54 23.33 28.53 13.50
C GLN B 54 23.37 30.02 13.91
N LEU B 55 24.10 30.33 15.00
CA LEU B 55 24.19 31.67 15.55
C LEU B 55 25.62 32.18 15.52
N GLN B 56 26.25 32.05 14.38
CA GLN B 56 27.68 32.24 14.25
C GLN B 56 27.89 33.69 13.90
N SER B 57 28.96 34.27 14.43
CA SER B 57 29.34 35.68 14.21
C SER B 57 28.25 36.71 14.55
N MET B 58 27.60 36.53 15.70
CA MET B 58 26.52 37.45 16.09
C MET B 58 26.87 38.37 17.26
N GLN B 59 28.15 38.44 17.60
CA GLN B 59 28.62 39.27 18.70
C GLN B 59 27.95 38.90 20.03
N LEU B 60 27.58 37.63 20.19
CA LEU B 60 26.91 37.19 21.41
C LEU B 60 27.94 36.97 22.49
N ALA B 61 27.55 37.31 23.72
CA ALA B 61 28.40 37.05 24.87
C ALA B 61 27.61 36.37 25.98
N GLY B 62 28.29 36.01 27.08
CA GLY B 62 27.68 35.29 28.16
C GLY B 62 28.16 33.86 28.14
N GLU B 63 27.53 33.03 28.94
CA GLU B 63 27.87 31.62 29.06
C GLU B 63 26.86 30.79 28.26
N ILE B 64 27.26 29.57 27.87
CA ILE B 64 26.37 28.70 27.12
C ILE B 64 25.20 28.30 28.02
N PRO B 65 23.96 28.66 27.63
CA PRO B 65 22.84 28.56 28.58
C PRO B 65 22.15 27.22 28.69
N GLU B 66 21.58 26.97 29.87
CA GLU B 66 20.88 25.74 30.18
C GLU B 66 19.59 25.56 29.36
N SER B 67 19.00 26.68 28.90
CA SER B 67 17.84 26.68 28.01
C SER B 67 17.96 25.75 26.80
N LEU B 68 19.19 25.43 26.38
CA LEU B 68 19.40 24.55 25.26
C LEU B 68 18.83 23.15 25.50
N LYS B 69 18.69 22.74 26.76
CA LYS B 69 18.09 21.45 27.07
C LYS B 69 16.64 21.34 26.57
N LEU B 70 15.99 22.48 26.33
CA LEU B 70 14.62 22.48 25.85
C LEU B 70 14.55 22.32 24.32
N CYS B 71 15.68 22.52 23.65
CA CYS B 71 15.85 22.15 22.23
C CYS B 71 16.40 20.73 22.09
N ARG B 72 15.62 19.76 22.51
CA ARG B 72 16.10 18.38 22.70
C ARG B 72 16.24 17.61 21.39
N SER B 73 15.50 18.04 20.35
CA SER B 73 15.65 17.47 19.00
C SER B 73 16.84 18.03 18.18
N LEU B 74 17.71 18.81 18.81
CA LEU B 74 18.82 19.48 18.12
C LEU B 74 19.97 18.52 17.76
N GLN B 75 20.43 18.63 16.52
CA GLN B 75 21.54 17.81 16.05
C GLN B 75 22.76 18.60 15.63
N SER B 76 22.59 19.89 15.34
CA SER B 76 23.70 20.75 14.97
C SER B 76 23.66 22.06 15.75
N LEU B 77 24.74 22.38 16.47
CA LEU B 77 24.83 23.63 17.25
C LEU B 77 26.10 24.37 16.82
N ASP B 78 25.90 25.52 16.19
CA ASP B 78 26.96 26.38 15.78
C ASP B 78 26.83 27.75 16.49
N LEU B 79 27.68 27.96 17.50
CA LEU B 79 27.83 29.22 18.21
C LEU B 79 29.22 29.85 17.95
N SER B 80 29.82 29.52 16.82
CA SER B 80 31.20 29.94 16.55
C SER B 80 31.36 31.44 16.24
N GLY B 81 32.52 31.99 16.59
CA GLY B 81 32.89 33.35 16.26
C GLY B 81 32.13 34.43 17.01
N ASN B 82 31.77 34.12 18.24
CA ASN B 82 31.09 35.05 19.13
C ASN B 82 32.10 35.44 20.25
N ASP B 83 31.61 36.04 21.36
CA ASP B 83 32.42 36.35 22.53
C ASP B 83 31.97 35.57 23.76
N LEU B 84 31.59 34.32 23.58
CA LEU B 84 31.13 33.51 24.69
C LEU B 84 32.30 33.12 25.60
N SER B 85 31.99 32.96 26.87
CA SER B 85 32.99 32.72 27.89
C SER B 85 32.41 31.77 28.94
N GLY B 86 33.16 31.54 29.99
CA GLY B 86 32.86 30.50 30.93
C GLY B 86 33.45 29.24 30.36
N SER B 87 32.99 28.13 30.86
CA SER B 87 33.46 26.84 30.39
C SER B 87 32.43 26.18 29.51
N ILE B 88 32.86 25.11 28.83
CA ILE B 88 31.95 24.22 28.11
C ILE B 88 31.19 23.46 29.20
N PRO B 89 29.86 23.68 29.32
CA PRO B 89 29.16 23.04 30.44
C PRO B 89 29.27 21.51 30.37
N SER B 90 29.60 20.90 31.51
CA SER B 90 29.78 19.48 31.57
C SER B 90 28.46 18.72 31.35
N GLN B 91 27.33 19.42 31.50
CA GLN B 91 25.97 18.91 31.23
C GLN B 91 25.58 18.90 29.75
N ILE B 92 26.45 19.40 28.87
CA ILE B 92 26.04 19.74 27.50
C ILE B 92 25.44 18.55 26.74
N CYS B 93 26.01 17.37 26.96
CA CYS B 93 25.57 16.18 26.28
C CYS B 93 24.32 15.55 26.90
N SER B 94 24.05 15.86 28.16
CA SER B 94 22.76 15.53 28.76
C SER B 94 21.65 16.53 28.34
N TRP B 95 22.02 17.79 28.07
CA TRP B 95 21.07 18.75 27.46
C TRP B 95 20.77 18.37 26.03
N LEU B 96 21.83 18.09 25.27
CA LEU B 96 21.73 17.86 23.82
C LEU B 96 22.33 16.50 23.41
N PRO B 97 21.66 15.39 23.75
CA PRO B 97 22.26 14.08 23.53
C PRO B 97 22.39 13.69 22.07
N TYR B 98 21.59 14.33 21.20
CA TYR B 98 21.53 13.92 19.79
C TYR B 98 22.41 14.77 18.87
N LEU B 99 23.40 15.44 19.44
CA LEU B 99 24.32 16.28 18.68
C LEU B 99 25.18 15.45 17.75
N VAL B 100 25.20 15.91 16.51
CA VAL B 100 26.01 15.38 15.42
C VAL B 100 27.16 16.32 15.16
N THR B 101 26.88 17.62 15.20
CA THR B 101 27.90 18.66 14.98
C THR B 101 27.86 19.66 16.13
N LEU B 102 28.99 19.86 16.78
CA LEU B 102 29.13 20.87 17.85
C LEU B 102 30.27 21.82 17.46
N ASP B 103 29.94 23.08 17.15
CA ASP B 103 30.94 24.08 16.72
C ASP B 103 30.89 25.27 17.65
N LEU B 104 31.87 25.37 18.55
CA LEU B 104 31.99 26.47 19.52
C LEU B 104 33.28 27.22 19.35
N SER B 105 33.86 27.14 18.16
CA SER B 105 35.17 27.72 17.86
C SER B 105 35.09 29.24 17.79
N GLY B 106 36.23 29.89 17.99
CA GLY B 106 36.36 31.35 17.86
C GLY B 106 35.61 32.11 18.95
N ASN B 107 35.58 31.56 20.16
CA ASN B 107 34.98 32.23 21.34
C ASN B 107 36.08 32.41 22.38
N LYS B 108 35.71 32.62 23.64
CA LYS B 108 36.68 32.76 24.74
C LYS B 108 36.37 31.79 25.86
N LEU B 109 36.04 30.57 25.49
CA LEU B 109 35.71 29.55 26.45
C LEU B 109 36.96 29.04 27.18
N GLY B 110 36.94 29.03 28.51
CA GLY B 110 38.05 28.56 29.29
C GLY B 110 37.74 27.24 29.98
N GLY B 111 38.62 26.84 30.89
CA GLY B 111 38.47 25.57 31.58
C GLY B 111 38.91 24.44 30.67
N SER B 112 38.58 23.21 31.03
CA SER B 112 39.00 22.07 30.21
C SER B 112 37.83 21.50 29.43
N ILE B 113 38.14 20.65 28.46
CA ILE B 113 37.13 19.95 27.69
C ILE B 113 36.56 18.89 28.61
N PRO B 114 35.27 18.96 28.96
CA PRO B 114 34.77 18.01 29.94
C PRO B 114 34.76 16.57 29.42
N THR B 115 34.96 15.61 30.33
CA THR B 115 34.98 14.20 29.98
C THR B 115 33.59 13.69 29.58
N GLN B 116 32.55 14.39 30.02
CA GLN B 116 31.15 14.09 29.69
C GLN B 116 30.79 14.36 28.23
N ILE B 117 31.72 14.91 27.45
CA ILE B 117 31.55 15.03 26.00
CA ILE B 117 31.53 15.04 25.99
C ILE B 117 31.29 13.66 25.33
N VAL B 118 31.82 12.59 25.94
CA VAL B 118 31.66 11.22 25.51
C VAL B 118 30.18 10.81 25.48
N GLU B 119 29.34 11.47 26.26
CA GLU B 119 27.91 11.17 26.29
C GLU B 119 27.14 11.63 25.05
N CYS B 120 27.76 12.46 24.21
CA CYS B 120 27.26 12.80 22.89
C CYS B 120 27.69 11.69 21.94
N LYS B 121 26.99 10.58 21.97
CA LYS B 121 27.46 9.37 21.29
C LYS B 121 27.45 9.49 19.77
N PHE B 122 26.64 10.39 19.23
CA PHE B 122 26.45 10.52 17.79
C PHE B 122 27.26 11.63 17.15
N LEU B 123 28.23 12.19 17.87
CA LEU B 123 29.01 13.29 17.38
C LEU B 123 29.93 12.91 16.20
N ASN B 124 29.69 13.54 15.05
CA ASN B 124 30.55 13.47 13.88
C ASN B 124 31.64 14.56 13.94
N ALA B 125 31.28 15.77 14.36
CA ALA B 125 32.21 16.91 14.37
C ALA B 125 32.23 17.68 15.70
N LEU B 126 33.42 17.85 16.26
CA LEU B 126 33.62 18.60 17.49
C LEU B 126 34.65 19.70 17.20
N ILE B 127 34.17 20.94 17.05
CA ILE B 127 34.98 22.04 16.57
C ILE B 127 35.11 23.06 17.69
N LEU B 128 36.29 23.09 18.31
CA LEU B 128 36.51 23.88 19.54
C LEU B 128 37.75 24.75 19.42
N SER B 129 38.22 24.96 18.20
CA SER B 129 39.46 25.71 17.98
C SER B 129 39.27 27.19 18.32
N ASP B 130 40.38 27.85 18.66
CA ASP B 130 40.40 29.30 18.97
C ASP B 130 39.48 29.71 20.10
N ASN B 131 39.70 29.07 21.23
CA ASN B 131 39.07 29.39 22.50
C ASN B 131 40.22 29.59 23.50
N LYS B 132 39.95 29.52 24.79
CA LYS B 132 41.01 29.56 25.81
C LYS B 132 41.02 28.26 26.63
N LEU B 133 40.76 27.14 25.98
CA LEU B 133 40.68 25.87 26.69
C LEU B 133 42.05 25.42 27.19
N SER B 134 42.07 24.88 28.42
CA SER B 134 43.29 24.49 29.11
C SER B 134 43.20 23.04 29.59
N GLY B 135 44.29 22.56 30.20
CA GLY B 135 44.41 21.19 30.66
C GLY B 135 44.64 20.16 29.56
N SER B 136 44.52 18.88 29.92
CA SER B 136 44.71 17.78 28.99
C SER B 136 43.49 17.53 28.11
N ILE B 137 43.73 16.98 26.93
CA ILE B 137 42.65 16.49 26.05
C ILE B 137 42.22 15.15 26.63
N PRO B 138 40.94 15.02 27.01
CA PRO B 138 40.54 13.80 27.69
C PRO B 138 40.49 12.62 26.73
N SER B 139 41.00 11.48 27.17
CA SER B 139 41.04 10.30 26.29
C SER B 139 39.65 9.75 25.98
N GLN B 140 38.63 10.23 26.68
CA GLN B 140 37.23 9.94 26.37
C GLN B 140 36.83 10.29 24.93
N LEU B 141 37.45 11.32 24.34
CA LEU B 141 37.23 11.66 22.93
C LEU B 141 37.50 10.50 21.93
N SER B 142 38.38 9.56 22.28
CA SER B 142 38.62 8.37 21.45
C SER B 142 37.41 7.45 21.39
N ARG B 143 36.61 7.41 22.45
CA ARG B 143 35.39 6.58 22.52
C ARG B 143 34.15 7.15 21.79
N LEU B 144 34.26 8.30 21.13
CA LEU B 144 33.14 8.78 20.28
C LEU B 144 33.14 8.00 18.98
N ASP B 145 32.23 7.05 18.86
CA ASP B 145 32.18 6.10 17.70
C ASP B 145 32.19 6.75 16.32
N ARG B 146 31.50 7.90 16.18
CA ARG B 146 31.27 8.52 14.89
C ARG B 146 32.12 9.74 14.58
N LEU B 147 33.03 10.09 15.47
CA LEU B 147 33.82 11.32 15.33
C LEU B 147 34.75 11.30 14.09
N ARG B 148 34.37 12.05 13.06
CA ARG B 148 35.16 12.17 11.84
C ARG B 148 35.96 13.48 11.75
N ARG B 149 35.59 14.48 12.55
CA ARG B 149 36.28 15.80 12.55
C ARG B 149 36.52 16.32 13.98
N LEU B 150 37.75 16.69 14.28
CA LEU B 150 38.13 17.19 15.61
C LEU B 150 39.05 18.37 15.42
N SER B 151 38.62 19.54 15.89
CA SER B 151 39.42 20.76 15.73
C SER B 151 39.71 21.42 17.08
N LEU B 152 40.93 21.25 17.59
CA LEU B 152 41.33 21.79 18.89
C LEU B 152 42.47 22.79 18.84
N ALA B 153 42.76 23.32 17.68
CA ALA B 153 43.88 24.24 17.47
C ALA B 153 43.63 25.62 18.06
N GLY B 154 44.72 26.31 18.42
CA GLY B 154 44.64 27.67 18.97
C GLY B 154 44.01 27.79 20.35
N ASN B 155 44.26 26.82 21.23
CA ASN B 155 43.76 26.84 22.60
C ASN B 155 44.99 26.91 23.51
N ASP B 156 44.81 26.64 24.81
CA ASP B 156 45.92 26.55 25.75
C ASP B 156 46.07 25.12 26.32
N LEU B 157 45.82 24.11 25.48
CA LEU B 157 45.81 22.72 25.90
C LEU B 157 47.25 22.25 26.15
N SER B 158 47.41 21.30 27.07
CA SER B 158 48.76 20.84 27.46
C SER B 158 48.83 19.32 27.59
N GLY B 159 50.05 18.80 27.77
CA GLY B 159 50.24 17.38 27.94
C GLY B 159 50.35 16.62 26.63
N THR B 160 49.96 15.35 26.64
CA THR B 160 50.18 14.45 25.53
C THR B 160 48.86 14.20 24.84
N ILE B 161 48.83 14.25 23.52
CA ILE B 161 47.63 13.95 22.74
C ILE B 161 47.36 12.46 22.94
N PRO B 162 46.10 12.08 23.24
CA PRO B 162 45.83 10.63 23.38
C PRO B 162 46.13 9.89 22.07
N SER B 163 46.84 8.77 22.17
CA SER B 163 47.34 8.06 20.97
C SER B 163 46.23 7.65 19.99
N GLU B 164 45.02 7.48 20.49
CA GLU B 164 43.85 7.13 19.67
C GLU B 164 43.42 8.26 18.70
N LEU B 165 43.74 9.50 19.06
CA LEU B 165 43.37 10.69 18.26
C LEU B 165 44.43 11.06 17.21
N ALA B 166 45.46 10.23 17.07
CA ALA B 166 46.53 10.50 16.10
C ALA B 166 46.07 10.31 14.66
N ARG B 167 44.90 9.70 14.44
CA ARG B 167 44.31 9.66 13.09
C ARG B 167 44.04 11.06 12.51
N PHE B 168 43.81 12.03 13.39
CA PHE B 168 43.60 13.44 12.97
C PHE B 168 44.94 14.09 12.72
N GLY B 169 44.94 15.15 11.90
CA GLY B 169 46.20 15.79 11.45
C GLY B 169 46.76 16.79 12.45
N GLY B 170 47.93 17.31 12.14
CA GLY B 170 48.62 18.24 13.00
C GLY B 170 47.91 19.60 13.12
N ASP B 171 47.25 20.02 12.04
CA ASP B 171 46.50 21.28 12.02
C ASP B 171 45.38 21.31 13.05
N ASP B 172 44.92 20.13 13.46
CA ASP B 172 43.85 20.02 14.42
C ASP B 172 44.29 20.28 15.85
N PHE B 173 45.57 20.15 16.15
CA PHE B 173 46.10 20.33 17.50
C PHE B 173 47.12 21.48 17.63
N SER B 174 47.38 22.22 16.55
CA SER B 174 48.50 23.17 16.59
C SER B 174 48.12 24.46 17.34
N GLY B 175 49.14 25.23 17.72
CA GLY B 175 48.96 26.50 18.42
C GLY B 175 48.48 26.36 19.84
N ASN B 176 48.92 25.31 20.53
CA ASN B 176 48.54 25.03 21.91
C ASN B 176 49.71 25.18 22.91
N ASN B 177 49.45 25.00 24.21
CA ASN B 177 50.43 25.35 25.23
C ASN B 177 51.37 24.18 25.51
N GLY B 178 52.34 23.96 24.63
CA GLY B 178 53.27 22.86 24.80
C GLY B 178 52.62 21.47 24.70
N LEU B 179 51.52 21.38 23.96
CA LEU B 179 50.90 20.11 23.63
C LEU B 179 51.86 19.32 22.73
N CYS B 180 52.00 18.02 22.97
CA CYS B 180 53.01 17.20 22.27
C CYS B 180 52.51 15.78 21.97
N GLY B 181 53.30 14.99 21.27
CA GLY B 181 52.88 13.67 20.81
C GLY B 181 52.26 13.71 19.42
N LYS B 182 52.31 12.58 18.73
CA LYS B 182 51.77 12.42 17.37
C LYS B 182 50.31 12.90 17.37
N PRO B 183 49.87 13.67 16.36
CA PRO B 183 50.59 14.07 15.15
C PRO B 183 51.58 15.24 15.30
N LEU B 184 51.59 15.91 16.45
CA LEU B 184 52.59 16.95 16.73
C LEU B 184 53.93 16.34 17.03
N SER B 185 54.93 17.19 17.23
CA SER B 185 56.26 16.72 17.60
C SER B 185 56.26 15.94 18.91
N ARG B 186 57.20 15.00 18.98
CA ARG B 186 57.47 14.18 20.15
C ARG B 186 57.69 15.07 21.40
N CYS B 187 57.16 14.61 22.53
CA CYS B 187 57.32 15.29 23.82
C CYS B 187 58.78 15.48 24.24
N GLY B 188 59.17 16.75 24.36
CA GLY B 188 60.54 17.11 24.78
C GLY B 188 61.67 16.95 23.75
N ALA B 189 61.31 16.79 22.47
CA ALA B 189 62.29 16.54 21.41
C ALA B 189 61.79 17.09 20.10
N ASN C 3 13.90 -23.39 8.08
CA ASN C 3 12.49 -23.37 7.58
C ASN C 3 12.16 -22.01 6.99
N MET C 4 12.38 -21.87 5.69
CA MET C 4 12.05 -20.66 4.93
C MET C 4 10.55 -20.30 5.00
N GLU C 5 9.70 -21.33 5.00
CA GLU C 5 8.27 -21.12 5.06
C GLU C 5 7.82 -20.68 6.47
N GLY C 6 8.42 -21.27 7.49
CA GLY C 6 8.20 -20.85 8.89
C GLY C 6 8.67 -19.43 9.17
N ASP C 7 9.80 -19.02 8.58
CA ASP C 7 10.31 -17.64 8.67
C ASP C 7 9.32 -16.64 8.08
N ALA C 8 8.81 -16.97 6.90
CA ALA C 8 7.86 -16.13 6.22
C ALA C 8 6.63 -15.94 7.05
N LEU C 9 6.14 -16.98 7.69
CA LEU C 9 4.93 -16.88 8.51
C LEU C 9 5.19 -16.19 9.84
N HIS C 10 6.37 -16.38 10.42
CA HIS C 10 6.74 -15.59 11.58
C HIS C 10 6.86 -14.09 11.23
N SER C 11 7.43 -13.78 10.07
CA SER C 11 7.44 -12.38 9.61
C SER C 11 6.03 -11.82 9.53
N LEU C 12 5.11 -12.62 9.00
CA LEU C 12 3.74 -12.19 8.86
C LEU C 12 3.13 -11.94 10.23
N ARG C 13 3.34 -12.86 11.18
CA ARG C 13 2.85 -12.63 12.54
C ARG C 13 3.42 -11.34 13.15
N ALA C 14 4.72 -11.10 12.95
CA ALA C 14 5.35 -9.86 13.48
C ALA C 14 4.66 -8.59 12.96
N ASN C 15 4.14 -8.63 11.73
CA ASN C 15 3.47 -7.48 11.11
C ASN C 15 1.95 -7.46 11.20
N LEU C 16 1.37 -8.48 11.83
CA LEU C 16 -0.06 -8.52 12.12
C LEU C 16 -0.30 -8.13 13.56
N VAL C 17 -1.48 -7.59 13.84
CA VAL C 17 -1.90 -7.21 15.18
C VAL C 17 -3.03 -8.16 15.53
N ASP C 18 -2.89 -8.88 16.64
CA ASP C 18 -3.67 -10.08 16.92
C ASP C 18 -4.33 -10.01 18.29
N PRO C 19 -5.43 -9.27 18.41
CA PRO C 19 -6.03 -9.06 19.73
C PRO C 19 -6.63 -10.31 20.38
N ASN C 20 -7.05 -11.28 19.59
CA ASN C 20 -7.58 -12.55 20.13
C ASN C 20 -6.51 -13.63 20.28
N ASN C 21 -5.27 -13.32 19.95
CA ASN C 21 -4.15 -14.27 20.06
C ASN C 21 -4.38 -15.55 19.25
N VAL C 22 -4.96 -15.40 18.06
CA VAL C 22 -5.20 -16.57 17.18
C VAL C 22 -3.90 -17.13 16.62
N LEU C 23 -2.82 -16.34 16.70
CA LEU C 23 -1.51 -16.76 16.22
C LEU C 23 -0.60 -17.20 17.36
N GLN C 24 -1.15 -17.41 18.56
CA GLN C 24 -0.36 -17.79 19.76
C GLN C 24 0.58 -18.98 19.57
N SER C 25 0.09 -20.01 18.90
CA SER C 25 0.86 -21.20 18.61
C SER C 25 2.01 -20.99 17.59
N TRP C 26 2.06 -19.84 16.93
CA TRP C 26 3.06 -19.62 15.87
C TRP C 26 4.41 -19.34 16.51
N ASP C 27 5.06 -20.42 16.90
CA ASP C 27 6.30 -20.38 17.67
C ASP C 27 7.47 -20.53 16.70
N PRO C 28 8.34 -19.50 16.60
CA PRO C 28 9.42 -19.50 15.59
C PRO C 28 10.50 -20.57 15.80
N THR C 29 10.61 -21.10 17.01
CA THR C 29 11.70 -22.01 17.37
C THR C 29 11.45 -23.44 16.87
N LEU C 30 10.21 -23.73 16.45
CA LEU C 30 9.89 -25.07 15.91
C LEU C 30 10.55 -25.29 14.52
N VAL C 31 10.73 -26.56 14.18
CA VAL C 31 11.49 -26.96 12.97
C VAL C 31 10.74 -26.59 11.68
N ASN C 32 9.41 -26.56 11.75
CA ASN C 32 8.58 -26.08 10.65
C ASN C 32 7.28 -25.52 11.24
N PRO C 33 6.43 -24.87 10.42
CA PRO C 33 5.17 -24.38 10.95
C PRO C 33 3.97 -25.36 10.90
N CYS C 34 4.24 -26.65 10.69
CA CYS C 34 3.18 -27.62 10.41
C CYS C 34 2.30 -27.96 11.64
N THR C 35 2.80 -27.73 12.86
CA THR C 35 1.98 -27.92 14.07
C THR C 35 1.18 -26.67 14.45
N TRP C 36 1.33 -25.58 13.71
CA TRP C 36 0.72 -24.30 14.08
C TRP C 36 -0.76 -24.29 13.75
N PHE C 37 -1.60 -23.76 14.64
CA PHE C 37 -3.02 -23.63 14.34
C PHE C 37 -3.22 -22.68 13.16
N HIS C 38 -4.21 -22.98 12.33
CA HIS C 38 -4.55 -22.20 11.13
C HIS C 38 -3.62 -22.44 9.94
N VAL C 39 -2.69 -23.40 10.09
CA VAL C 39 -1.77 -23.76 9.04
C VAL C 39 -1.97 -25.23 8.68
N THR C 40 -2.13 -25.53 7.39
CA THR C 40 -2.15 -26.89 6.94
C THR C 40 -0.93 -27.16 6.07
N CYS C 41 -0.21 -28.23 6.38
CA CYS C 41 0.91 -28.70 5.57
C CYS C 41 0.53 -29.99 4.82
N ASN C 42 1.29 -30.32 3.78
CA ASN C 42 1.15 -31.58 3.06
C ASN C 42 2.09 -32.64 3.63
N ASN C 43 2.09 -33.83 3.00
CA ASN C 43 2.98 -34.97 3.33
C ASN C 43 4.47 -34.66 3.38
N GLU C 44 4.92 -33.70 2.57
CA GLU C 44 6.33 -33.29 2.53
C GLU C 44 6.65 -32.09 3.49
N ASN C 45 5.73 -31.82 4.43
CA ASN C 45 5.87 -30.79 5.47
C ASN C 45 5.92 -29.34 4.93
N SER C 46 5.26 -29.12 3.79
CA SER C 46 5.20 -27.81 3.14
C SER C 46 3.78 -27.25 3.25
N VAL C 47 3.70 -25.94 3.45
CA VAL C 47 2.43 -25.28 3.68
C VAL C 47 1.57 -25.28 2.41
N ILE C 48 0.33 -25.76 2.56
CA ILE C 48 -0.63 -25.71 1.47
C ILE C 48 -1.83 -24.83 1.79
N ARG C 49 -2.08 -24.54 3.06
CA ARG C 49 -3.12 -23.59 3.44
C ARG C 49 -2.70 -22.62 4.55
N VAL C 50 -3.28 -21.43 4.53
CA VAL C 50 -3.30 -20.56 5.69
C VAL C 50 -4.74 -20.12 5.86
N ASP C 51 -5.38 -20.50 6.97
CA ASP C 51 -6.80 -20.19 7.19
C ASP C 51 -6.98 -19.21 8.36
N LEU C 52 -7.03 -17.93 8.03
CA LEU C 52 -7.10 -16.89 9.01
C LEU C 52 -8.25 -15.93 8.73
N GLY C 53 -9.38 -16.48 8.28
CA GLY C 53 -10.59 -15.69 8.17
C GLY C 53 -11.20 -15.36 9.53
N ASN C 54 -11.92 -14.23 9.57
CA ASN C 54 -12.73 -13.86 10.75
C ASN C 54 -11.95 -13.86 12.05
N ALA C 55 -10.69 -13.43 11.97
CA ALA C 55 -9.75 -13.60 13.06
C ALA C 55 -9.44 -12.29 13.75
N ASP C 56 -10.19 -11.22 13.40
CA ASP C 56 -10.06 -9.92 14.08
C ASP C 56 -8.66 -9.28 13.91
N LEU C 57 -7.96 -9.65 12.83
CA LEU C 57 -6.59 -9.23 12.62
C LEU C 57 -6.51 -7.86 11.99
N SER C 58 -5.49 -7.12 12.44
CA SER C 58 -5.08 -5.86 11.86
C SER C 58 -3.63 -6.05 11.38
N GLY C 59 -3.03 -4.98 10.87
CA GLY C 59 -1.65 -4.99 10.47
C GLY C 59 -1.53 -5.11 8.97
N GLN C 60 -0.38 -5.59 8.52
CA GLN C 60 -0.09 -5.60 7.09
C GLN C 60 0.60 -6.91 6.72
N LEU C 61 0.46 -7.28 5.44
CA LEU C 61 1.13 -8.45 4.92
C LEU C 61 2.59 -8.16 4.70
N VAL C 62 3.35 -9.22 4.45
CA VAL C 62 4.78 -9.12 4.17
C VAL C 62 5.02 -9.78 2.82
N PRO C 63 6.03 -9.31 2.09
CA PRO C 63 6.36 -9.94 0.80
C PRO C 63 6.85 -11.38 0.89
N GLN C 64 7.29 -11.81 2.07
CA GLN C 64 7.84 -13.17 2.23
C GLN C 64 6.77 -14.29 2.06
N LEU C 65 5.49 -13.95 2.09
CA LEU C 65 4.44 -14.90 1.76
C LEU C 65 4.65 -15.60 0.41
N GLY C 66 5.24 -14.89 -0.55
CA GLY C 66 5.55 -15.39 -1.88
C GLY C 66 6.57 -16.53 -1.90
N GLN C 67 7.20 -16.82 -0.77
CA GLN C 67 8.08 -18.00 -0.63
C GLN C 67 7.34 -19.33 -0.40
N LEU C 68 6.04 -19.27 -0.10
CA LEU C 68 5.25 -20.46 0.19
C LEU C 68 4.82 -21.13 -1.12
N LYS C 69 5.75 -21.86 -1.72
CA LYS C 69 5.62 -22.27 -3.12
C LYS C 69 4.46 -23.26 -3.42
N ASN C 70 4.07 -24.03 -2.42
CA ASN C 70 3.05 -25.02 -2.57
C ASN C 70 1.73 -24.54 -1.99
N LEU C 71 1.63 -23.26 -1.65
CA LEU C 71 0.38 -22.71 -1.10
C LEU C 71 -0.77 -22.85 -2.09
N GLN C 72 -1.87 -23.47 -1.63
CA GLN C 72 -3.07 -23.66 -2.43
C GLN C 72 -4.19 -22.74 -1.98
N TYR C 73 -4.32 -22.52 -0.66
CA TYR C 73 -5.32 -21.59 -0.10
C TYR C 73 -4.69 -20.50 0.78
N LEU C 74 -4.93 -19.23 0.42
CA LEU C 74 -4.61 -18.12 1.28
C LEU C 74 -5.89 -17.44 1.70
N GLU C 75 -6.33 -17.74 2.93
CA GLU C 75 -7.61 -17.23 3.42
C GLU C 75 -7.37 -16.19 4.51
N LEU C 76 -7.53 -14.92 4.15
CA LEU C 76 -7.29 -13.81 5.04
C LEU C 76 -8.50 -12.90 5.09
N TYR C 77 -9.66 -13.43 4.70
CA TYR C 77 -10.86 -12.63 4.51
C TYR C 77 -11.47 -12.21 5.84
N SER C 78 -12.20 -11.10 5.80
CA SER C 78 -12.98 -10.57 6.92
C SER C 78 -12.12 -10.30 8.14
N ASN C 79 -11.19 -9.37 7.94
CA ASN C 79 -10.31 -8.84 8.98
C ASN C 79 -10.22 -7.32 8.76
N ASN C 80 -9.20 -6.66 9.32
CA ASN C 80 -8.91 -5.26 9.00
C ASN C 80 -7.42 -5.12 8.65
N ILE C 81 -6.95 -5.97 7.75
CA ILE C 81 -5.57 -5.91 7.27
C ILE C 81 -5.43 -4.76 6.28
N THR C 82 -4.40 -3.94 6.49
CA THR C 82 -4.15 -2.78 5.65
C THR C 82 -2.89 -3.02 4.79
N GLY C 83 -2.51 -2.03 4.01
CA GLY C 83 -1.32 -2.15 3.20
C GLY C 83 -1.62 -2.69 1.83
N PRO C 84 -0.57 -2.88 1.02
CA PRO C 84 -0.77 -3.34 -0.35
C PRO C 84 -0.89 -4.85 -0.44
N VAL C 85 -1.31 -5.32 -1.61
CA VAL C 85 -1.23 -6.72 -1.92
C VAL C 85 0.16 -6.94 -2.51
N PRO C 86 1.00 -7.73 -1.85
CA PRO C 86 2.36 -7.80 -2.40
C PRO C 86 2.44 -8.47 -3.78
N SER C 87 3.27 -7.92 -4.64
CA SER C 87 3.56 -8.51 -5.96
C SER C 87 4.07 -9.93 -5.91
N ASP C 88 4.74 -10.27 -4.82
CA ASP C 88 5.33 -11.60 -4.62
C ASP C 88 4.28 -12.70 -4.52
N LEU C 89 3.04 -12.35 -4.26
CA LEU C 89 1.94 -13.33 -4.29
C LEU C 89 1.80 -13.99 -5.67
N GLY C 90 2.23 -13.30 -6.72
CA GLY C 90 2.27 -13.87 -8.05
C GLY C 90 3.28 -14.99 -8.26
N ASN C 91 4.18 -15.21 -7.31
CA ASN C 91 5.11 -16.36 -7.34
C ASN C 91 4.45 -17.66 -6.85
N LEU C 92 3.27 -17.55 -6.22
CA LEU C 92 2.60 -18.69 -5.65
C LEU C 92 1.85 -19.47 -6.73
N THR C 93 2.57 -20.26 -7.53
CA THR C 93 2.02 -20.78 -8.78
C THR C 93 0.92 -21.83 -8.60
N ASN C 94 0.93 -22.50 -7.45
CA ASN C 94 -0.04 -23.55 -7.13
C ASN C 94 -1.26 -23.04 -6.39
N LEU C 95 -1.42 -21.74 -6.30
CA LEU C 95 -2.50 -21.17 -5.55
C LEU C 95 -3.82 -21.39 -6.30
N VAL C 96 -4.85 -21.86 -5.57
CA VAL C 96 -6.18 -22.02 -6.16
C VAL C 96 -7.18 -21.02 -5.58
N SER C 97 -6.93 -20.55 -4.36
CA SER C 97 -7.81 -19.58 -3.72
C SER C 97 -6.99 -18.44 -3.12
N LEU C 98 -7.32 -17.22 -3.54
CA LEU C 98 -6.76 -16.00 -2.97
C LEU C 98 -7.91 -15.15 -2.47
N ASP C 99 -8.11 -15.19 -1.15
CA ASP C 99 -9.27 -14.55 -0.52
C ASP C 99 -8.83 -13.44 0.45
N LEU C 100 -8.83 -12.21 -0.05
CA LEU C 100 -8.42 -11.05 0.73
C LEU C 100 -9.58 -10.10 0.98
N TYR C 101 -10.79 -10.57 0.74
CA TYR C 101 -11.98 -9.73 0.77
C TYR C 101 -12.38 -9.35 2.19
N LEU C 102 -13.09 -8.22 2.28
CA LEU C 102 -13.49 -7.61 3.56
C LEU C 102 -12.27 -7.31 4.41
N ASN C 103 -11.45 -6.39 3.93
CA ASN C 103 -10.23 -5.92 4.62
C ASN C 103 -10.07 -4.44 4.29
N SER C 104 -8.89 -3.85 4.54
CA SER C 104 -8.62 -2.46 4.15
C SER C 104 -7.40 -2.34 3.24
N PHE C 105 -7.27 -3.26 2.31
CA PHE C 105 -6.15 -3.25 1.39
C PHE C 105 -6.27 -2.05 0.49
N THR C 106 -5.12 -1.43 0.23
CA THR C 106 -5.03 -0.29 -0.65
C THR C 106 -3.97 -0.60 -1.71
N GLY C 107 -3.78 0.32 -2.64
CA GLY C 107 -2.79 0.14 -3.69
C GLY C 107 -3.34 -0.65 -4.84
N PRO C 108 -2.51 -0.93 -5.85
CA PRO C 108 -3.03 -1.59 -7.04
C PRO C 108 -3.16 -3.12 -6.89
N ILE C 109 -3.92 -3.73 -7.80
CA ILE C 109 -3.88 -5.15 -8.01
C ILE C 109 -2.61 -5.41 -8.80
N PRO C 110 -1.70 -6.22 -8.26
CA PRO C 110 -0.47 -6.43 -9.02
C PRO C 110 -0.69 -7.21 -10.32
N ASP C 111 -0.01 -6.79 -11.38
CA ASP C 111 -0.02 -7.48 -12.67
C ASP C 111 0.44 -8.94 -12.50
N SER C 112 1.37 -9.19 -11.58
CA SER C 112 1.87 -10.55 -11.32
C SER C 112 0.81 -11.60 -10.91
N LEU C 113 -0.40 -11.17 -10.52
CA LEU C 113 -1.50 -12.11 -10.23
C LEU C 113 -2.00 -12.85 -11.49
N GLY C 114 -1.73 -12.29 -12.67
CA GLY C 114 -1.95 -12.97 -13.95
C GLY C 114 -1.08 -14.20 -14.18
N LYS C 115 -0.02 -14.37 -13.40
CA LYS C 115 0.79 -15.61 -13.43
C LYS C 115 0.26 -16.76 -12.56
N LEU C 116 -0.90 -16.58 -11.92
CA LEU C 116 -1.51 -17.63 -11.08
C LEU C 116 -2.49 -18.49 -11.91
N PHE C 117 -1.93 -19.39 -12.70
CA PHE C 117 -2.68 -20.13 -13.74
C PHE C 117 -3.65 -21.20 -13.24
N LYS C 118 -3.47 -21.64 -12.00
CA LYS C 118 -4.37 -22.59 -11.36
C LYS C 118 -5.39 -21.89 -10.45
N LEU C 119 -5.46 -20.57 -10.49
CA LEU C 119 -6.35 -19.87 -9.59
C LEU C 119 -7.83 -20.04 -9.98
N ARG C 120 -8.63 -20.42 -9.00
CA ARG C 120 -10.05 -20.65 -9.18
C ARG C 120 -10.87 -19.58 -8.48
N PHE C 121 -10.40 -19.11 -7.31
CA PHE C 121 -11.11 -18.09 -6.53
C PHE C 121 -10.22 -16.86 -6.33
N LEU C 122 -10.69 -15.72 -6.82
CA LEU C 122 -10.00 -14.47 -6.63
C LEU C 122 -11.03 -13.48 -6.11
N ARG C 123 -11.01 -13.28 -4.79
CA ARG C 123 -12.01 -12.43 -4.15
C ARG C 123 -11.31 -11.37 -3.33
N LEU C 124 -11.24 -10.17 -3.90
CA LEU C 124 -10.55 -9.02 -3.33
C LEU C 124 -11.57 -7.93 -3.04
N ASN C 125 -12.86 -8.29 -3.05
CA ASN C 125 -13.92 -7.31 -2.92
C ASN C 125 -13.96 -6.71 -1.52
N ASN C 126 -14.53 -5.52 -1.42
CA ASN C 126 -14.65 -4.81 -0.16
C ASN C 126 -13.27 -4.50 0.46
N ASN C 127 -12.53 -3.69 -0.30
CA ASN C 127 -11.22 -3.17 0.11
C ASN C 127 -11.15 -1.73 -0.43
N SER C 128 -9.96 -1.14 -0.51
CA SER C 128 -9.80 0.14 -1.21
C SER C 128 -8.70 0.08 -2.27
N LEU C 129 -8.75 -0.96 -3.10
CA LEU C 129 -7.79 -1.12 -4.18
C LEU C 129 -8.02 -0.09 -5.29
N THR C 130 -6.93 0.39 -5.91
CA THR C 130 -6.99 1.45 -6.91
C THR C 130 -6.33 0.98 -8.20
N GLY C 131 -6.44 1.82 -9.22
CA GLY C 131 -5.74 1.56 -10.47
C GLY C 131 -6.53 0.63 -11.37
N PRO C 132 -5.87 0.13 -12.42
CA PRO C 132 -6.58 -0.67 -13.39
C PRO C 132 -6.71 -2.12 -12.96
N ILE C 133 -7.72 -2.81 -13.50
CA ILE C 133 -7.78 -4.26 -13.42
C ILE C 133 -6.74 -4.77 -14.39
N PRO C 134 -5.74 -5.53 -13.92
CA PRO C 134 -4.71 -5.98 -14.84
C PRO C 134 -5.28 -6.87 -15.90
N MET C 135 -4.88 -6.63 -17.13
CA MET C 135 -5.38 -7.38 -18.26
C MET C 135 -4.91 -8.83 -18.22
N SER C 136 -3.74 -9.09 -17.64
CA SER C 136 -3.20 -10.45 -17.50
C SER C 136 -4.14 -11.43 -16.75
N LEU C 137 -5.05 -10.91 -15.94
CA LEU C 137 -6.07 -11.73 -15.26
C LEU C 137 -7.01 -12.49 -16.23
N THR C 138 -7.16 -11.99 -17.45
CA THR C 138 -7.99 -12.66 -18.46
C THR C 138 -7.35 -13.96 -18.97
N ASN C 139 -6.04 -14.11 -18.81
CA ASN C 139 -5.32 -15.33 -19.19
C ASN C 139 -5.47 -16.47 -18.16
N ILE C 140 -6.07 -16.22 -17.00
CA ILE C 140 -6.29 -17.28 -16.02
C ILE C 140 -7.56 -18.05 -16.41
N MET C 141 -7.38 -19.20 -17.03
CA MET C 141 -8.52 -19.92 -17.64
C MET C 141 -9.27 -20.79 -16.64
N THR C 142 -8.70 -20.94 -15.43
CA THR C 142 -9.28 -21.77 -14.36
C THR C 142 -10.22 -20.98 -13.45
N LEU C 143 -10.41 -19.71 -13.76
CA LEU C 143 -11.07 -18.82 -12.81
C LEU C 143 -12.59 -19.08 -12.73
N GLN C 144 -13.07 -19.44 -11.54
CA GLN C 144 -14.49 -19.78 -11.33
C GLN C 144 -15.29 -18.66 -10.64
N VAL C 145 -14.68 -18.02 -9.65
CA VAL C 145 -15.29 -16.89 -8.96
C VAL C 145 -14.32 -15.70 -8.91
N LEU C 146 -14.74 -14.57 -9.52
CA LEU C 146 -13.99 -13.32 -9.46
C LEU C 146 -14.85 -12.24 -8.84
N ASP C 147 -14.38 -11.63 -7.77
CA ASP C 147 -15.09 -10.50 -7.17
C ASP C 147 -14.14 -9.35 -6.80
N LEU C 148 -14.26 -8.25 -7.55
CA LEU C 148 -13.45 -7.04 -7.34
C LEU C 148 -14.33 -5.84 -6.95
N SER C 149 -15.56 -6.14 -6.51
CA SER C 149 -16.54 -5.11 -6.26
C SER C 149 -16.26 -4.38 -4.95
N ASN C 150 -16.76 -3.16 -4.86
CA ASN C 150 -16.56 -2.33 -3.67
C ASN C 150 -15.07 -2.08 -3.41
N ASN C 151 -14.43 -1.51 -4.43
CA ASN C 151 -13.07 -1.02 -4.37
C ASN C 151 -13.05 0.39 -4.95
N ARG C 152 -11.87 0.92 -5.26
CA ARG C 152 -11.74 2.22 -5.93
C ARG C 152 -10.96 2.07 -7.24
N LEU C 153 -11.26 1.00 -7.97
CA LEU C 153 -10.60 0.68 -9.23
C LEU C 153 -11.17 1.57 -10.34
N SER C 154 -10.40 1.70 -11.42
CA SER C 154 -10.75 2.58 -12.52
C SER C 154 -10.15 2.12 -13.84
N GLY C 155 -10.75 2.60 -14.94
CA GLY C 155 -10.28 2.29 -16.27
C GLY C 155 -11.07 1.16 -16.89
N SER C 156 -10.48 0.52 -17.88
CA SER C 156 -11.17 -0.40 -18.75
C SER C 156 -11.40 -1.74 -18.06
N VAL C 157 -12.62 -2.28 -18.22
CA VAL C 157 -12.95 -3.64 -17.73
C VAL C 157 -12.88 -4.59 -18.91
N PRO C 158 -12.01 -5.62 -18.83
CA PRO C 158 -11.99 -6.63 -19.89
C PRO C 158 -13.28 -7.46 -20.00
N ASP C 159 -13.54 -7.92 -21.22
CA ASP C 159 -14.59 -8.90 -21.49
C ASP C 159 -14.03 -10.14 -22.22
N ASN C 160 -12.75 -10.13 -22.59
CA ASN C 160 -12.12 -11.27 -23.28
C ASN C 160 -11.46 -12.25 -22.31
N GLY C 161 -11.20 -13.46 -22.80
CA GLY C 161 -10.61 -14.53 -22.01
C GLY C 161 -11.59 -15.03 -20.97
N SER C 162 -11.10 -15.27 -19.76
CA SER C 162 -11.96 -15.71 -18.68
C SER C 162 -12.98 -14.65 -18.22
N PHE C 163 -12.75 -13.39 -18.55
CA PHE C 163 -13.68 -12.30 -18.21
C PHE C 163 -15.01 -12.30 -19.00
N SER C 164 -15.11 -13.13 -20.04
CA SER C 164 -16.39 -13.35 -20.73
C SER C 164 -17.42 -14.02 -19.81
N LEU C 165 -16.94 -14.78 -18.84
CA LEU C 165 -17.77 -15.45 -17.87
C LEU C 165 -18.16 -14.58 -16.68
N PHE C 166 -17.66 -13.35 -16.60
CA PHE C 166 -17.99 -12.48 -15.47
C PHE C 166 -18.81 -11.28 -15.90
N THR C 167 -19.54 -10.74 -14.93
CA THR C 167 -20.61 -9.78 -15.18
C THR C 167 -20.34 -8.56 -14.33
N PRO C 168 -21.13 -7.49 -14.49
CA PRO C 168 -20.97 -6.30 -13.64
C PRO C 168 -21.15 -6.53 -12.12
N ILE C 169 -21.71 -7.68 -11.70
CA ILE C 169 -21.69 -8.03 -10.26
C ILE C 169 -20.27 -8.13 -9.70
N SER C 170 -19.33 -8.64 -10.50
CA SER C 170 -17.91 -8.72 -10.11
C SER C 170 -17.21 -7.35 -9.94
N PHE C 171 -17.69 -6.34 -10.65
CA PHE C 171 -17.00 -5.06 -10.77
C PHE C 171 -17.77 -3.88 -10.16
N ALA C 172 -18.84 -4.16 -9.41
CA ALA C 172 -19.75 -3.13 -8.92
C ALA C 172 -19.11 -2.20 -7.90
N ASN C 173 -19.63 -0.98 -7.81
CA ASN C 173 -19.21 0.02 -6.82
C ASN C 173 -17.71 0.29 -6.85
N ASN C 174 -17.21 0.72 -8.01
CA ASN C 174 -15.81 1.14 -8.14
C ASN C 174 -15.71 2.62 -8.46
N LEU C 175 -14.49 3.15 -8.48
CA LEU C 175 -14.29 4.59 -8.69
C LEU C 175 -14.70 5.06 -10.09
N ASP C 176 -14.15 4.42 -11.11
CA ASP C 176 -14.41 4.84 -12.48
C ASP C 176 -14.03 3.76 -13.46
N LEU C 177 -14.67 2.61 -13.33
CA LEU C 177 -14.51 1.54 -14.30
C LEU C 177 -15.38 1.83 -15.52
N CYS C 178 -14.79 1.63 -16.70
CA CYS C 178 -15.46 1.85 -17.98
C CYS C 178 -15.34 0.58 -18.83
N GLY C 179 -16.10 0.52 -19.91
CA GLY C 179 -16.11 -0.65 -20.76
C GLY C 179 -17.52 -0.95 -21.18
N PRO C 180 -17.70 -1.98 -22.01
CA PRO C 180 -19.06 -2.42 -22.38
C PRO C 180 -19.82 -3.05 -21.19
N VAL C 181 -19.09 -3.55 -20.19
CA VAL C 181 -19.68 -4.25 -19.06
C VAL C 181 -20.30 -3.25 -18.07
N THR C 182 -19.56 -2.19 -17.78
CA THR C 182 -19.91 -1.20 -16.76
C THR C 182 -21.06 -0.28 -17.18
N SER C 183 -21.49 0.56 -16.24
CA SER C 183 -22.58 1.53 -16.45
C SER C 183 -22.22 2.71 -17.37
N ARG C 184 -20.93 3.01 -17.55
CA ARG C 184 -20.46 4.03 -18.51
C ARG C 184 -19.42 3.41 -19.47
N PRO C 185 -19.36 3.89 -20.72
CA PRO C 185 -18.29 3.43 -21.61
C PRO C 185 -17.04 4.32 -21.55
N CYS C 186 -15.95 3.89 -22.20
CA CYS C 186 -14.68 4.63 -22.14
C CYS C 186 -14.66 5.77 -23.15
N ASP D 2 -33.69 -10.38 -2.22
CA ASP D 2 -33.12 -11.26 -1.13
C ASP D 2 -32.97 -12.72 -1.63
N ASP D 3 -31.75 -13.25 -1.54
CA ASP D 3 -31.45 -14.59 -2.06
C ASP D 3 -32.12 -15.75 -1.27
N VAL D 4 -32.44 -15.51 0.00
CA VAL D 4 -33.15 -16.53 0.78
C VAL D 4 -34.59 -16.67 0.27
N LEU D 5 -35.23 -15.54 -0.04
CA LEU D 5 -36.58 -15.52 -0.62
C LEU D 5 -36.62 -16.19 -2.00
N CYS D 6 -35.55 -16.04 -2.78
CA CYS D 6 -35.42 -16.76 -4.04
C CYS D 6 -35.52 -18.29 -3.86
N LEU D 7 -34.70 -18.83 -2.96
CA LEU D 7 -34.73 -20.27 -2.69
C LEU D 7 -36.03 -20.75 -2.03
N GLN D 8 -36.56 -19.98 -1.08
CA GLN D 8 -37.86 -20.31 -0.43
C GLN D 8 -39.01 -20.42 -1.44
N GLY D 9 -39.08 -19.46 -2.36
CA GLY D 9 -40.12 -19.39 -3.38
C GLY D 9 -39.96 -20.47 -4.43
N LEU D 10 -38.72 -20.78 -4.77
CA LEU D 10 -38.44 -21.85 -5.71
C LEU D 10 -38.92 -23.22 -5.16
N LYS D 11 -38.63 -23.47 -3.88
CA LYS D 11 -39.03 -24.72 -3.25
C LYS D 11 -40.55 -24.83 -3.04
N ASN D 12 -41.17 -23.72 -2.64
CA ASN D 12 -42.63 -23.63 -2.55
C ASN D 12 -43.36 -23.83 -3.89
N SER D 13 -42.81 -23.29 -4.98
CA SER D 13 -43.48 -23.35 -6.29
C SER D 13 -43.34 -24.72 -6.97
N LEU D 14 -42.14 -25.29 -6.97
CA LEU D 14 -41.88 -26.52 -7.72
C LEU D 14 -42.38 -27.75 -6.98
N ILE D 15 -42.70 -28.77 -7.77
CA ILE D 15 -43.16 -30.03 -7.26
C ILE D 15 -41.96 -30.95 -7.18
N ASP D 16 -41.82 -31.61 -6.03
CA ASP D 16 -40.65 -32.37 -5.67
C ASP D 16 -41.06 -33.75 -5.12
N PRO D 17 -41.59 -34.64 -5.97
CA PRO D 17 -42.13 -35.93 -5.51
C PRO D 17 -41.14 -36.89 -4.84
N SER D 18 -39.86 -36.78 -5.18
CA SER D 18 -38.81 -37.58 -4.55
C SER D 18 -38.17 -36.91 -3.34
N SER D 19 -38.69 -35.76 -2.92
CA SER D 19 -38.19 -35.03 -1.75
C SER D 19 -36.70 -34.70 -1.81
N ARG D 20 -36.22 -34.31 -2.98
CA ARG D 20 -34.79 -33.98 -3.17
C ARG D 20 -34.38 -32.62 -2.58
N LEU D 21 -35.34 -31.73 -2.34
CA LEU D 21 -35.07 -30.47 -1.69
C LEU D 21 -35.48 -30.52 -0.21
N SER D 22 -35.55 -31.70 0.38
CA SER D 22 -35.92 -31.85 1.78
C SER D 22 -34.89 -31.22 2.72
N SER D 23 -33.61 -31.29 2.34
CA SER D 23 -32.50 -30.76 3.17
C SER D 23 -32.55 -29.24 3.35
N TRP D 24 -33.13 -28.58 2.35
CA TRP D 24 -33.29 -27.13 2.37
C TRP D 24 -34.23 -26.72 3.49
N SER D 25 -33.64 -26.22 4.56
CA SER D 25 -34.39 -25.69 5.68
C SER D 25 -34.10 -24.18 5.80
N PHE D 26 -34.97 -23.47 6.51
CA PHE D 26 -34.88 -22.03 6.67
C PHE D 26 -35.22 -21.67 8.13
N PRO D 27 -34.36 -22.06 9.10
CA PRO D 27 -34.67 -21.91 10.54
C PRO D 27 -34.83 -20.45 10.99
N ASN D 28 -34.10 -19.55 10.36
CA ASN D 28 -34.15 -18.13 10.68
C ASN D 28 -34.92 -17.33 9.61
N SER D 29 -35.89 -17.99 8.95
CA SER D 29 -36.80 -17.33 7.99
C SER D 29 -36.03 -16.70 6.80
N SER D 30 -36.29 -15.41 6.51
CA SER D 30 -35.59 -14.67 5.44
C SER D 30 -34.09 -14.44 5.70
N ALA D 31 -33.65 -14.54 6.96
CA ALA D 31 -32.25 -14.27 7.35
C ALA D 31 -31.43 -15.55 7.55
N SER D 32 -31.94 -16.68 7.07
CA SER D 32 -31.21 -17.95 7.15
C SER D 32 -29.97 -17.97 6.25
N SER D 33 -28.91 -18.61 6.75
CA SER D 33 -27.74 -18.92 5.94
C SER D 33 -28.06 -20.05 4.95
N ILE D 34 -27.86 -19.80 3.66
CA ILE D 34 -28.29 -20.70 2.60
C ILE D 34 -27.13 -21.30 1.80
N CYS D 35 -25.87 -20.97 2.17
CA CYS D 35 -24.70 -21.33 1.33
C CYS D 35 -24.28 -22.80 1.41
N LYS D 36 -24.71 -23.53 2.45
CA LYS D 36 -24.48 -24.98 2.48
C LYS D 36 -25.71 -25.85 2.12
N LEU D 37 -26.77 -25.22 1.60
CA LEU D 37 -27.88 -26.00 1.02
C LEU D 37 -27.39 -26.69 -0.26
N THR D 38 -27.87 -27.92 -0.46
CA THR D 38 -27.43 -28.77 -1.56
C THR D 38 -27.77 -28.10 -2.88
N GLY D 39 -26.81 -28.08 -3.81
CA GLY D 39 -27.01 -27.46 -5.11
C GLY D 39 -26.72 -25.96 -5.16
N VAL D 40 -26.38 -25.36 -4.02
CA VAL D 40 -26.15 -23.91 -3.92
C VAL D 40 -24.66 -23.60 -3.76
N SER D 41 -24.15 -22.68 -4.58
CA SER D 41 -22.83 -22.05 -4.35
C SER D 41 -23.02 -20.56 -4.16
N CYS D 42 -22.45 -20.06 -3.07
CA CYS D 42 -22.42 -18.63 -2.79
C CYS D 42 -21.14 -17.99 -3.29
N TRP D 43 -21.24 -16.69 -3.60
CA TRP D 43 -20.09 -15.89 -4.02
C TRP D 43 -18.96 -15.99 -3.00
N ASN D 44 -19.29 -15.82 -1.72
CA ASN D 44 -18.27 -15.82 -0.66
C ASN D 44 -18.84 -16.43 0.61
N GLU D 45 -18.02 -16.48 1.66
CA GLU D 45 -18.41 -17.12 2.90
C GLU D 45 -18.96 -16.13 3.94
N LYS D 46 -19.32 -14.92 3.51
CA LYS D 46 -19.82 -13.86 4.39
C LYS D 46 -21.19 -13.33 3.97
N GLU D 47 -21.70 -13.75 2.82
CA GLU D 47 -22.99 -13.27 2.34
C GLU D 47 -23.77 -14.42 1.71
N ASN D 48 -25.09 -14.25 1.69
CA ASN D 48 -26.00 -15.23 1.11
C ASN D 48 -26.22 -15.01 -0.39
N ARG D 49 -25.46 -14.11 -1.00
CA ARG D 49 -25.57 -13.88 -2.43
C ARG D 49 -25.15 -15.12 -3.25
N ILE D 50 -26.09 -15.65 -4.04
CA ILE D 50 -25.90 -16.92 -4.76
C ILE D 50 -25.35 -16.66 -6.15
N ILE D 51 -24.31 -17.40 -6.50
CA ILE D 51 -23.72 -17.34 -7.84
C ILE D 51 -24.29 -18.45 -8.77
N SER D 52 -24.51 -19.64 -8.21
CA SER D 52 -24.76 -20.85 -9.01
C SER D 52 -25.75 -21.81 -8.36
N LEU D 53 -26.71 -22.32 -9.15
CA LEU D 53 -27.66 -23.34 -8.70
C LEU D 53 -27.54 -24.56 -9.58
N GLN D 54 -27.14 -25.67 -8.96
CA GLN D 54 -27.06 -26.96 -9.65
C GLN D 54 -28.11 -27.94 -9.07
N LEU D 55 -29.25 -28.05 -9.76
CA LEU D 55 -30.36 -28.94 -9.36
C LEU D 55 -30.68 -29.91 -10.47
N GLN D 56 -29.67 -30.63 -10.91
CA GLN D 56 -29.82 -31.55 -12.03
C GLN D 56 -30.30 -32.92 -11.55
N SER D 57 -31.18 -33.52 -12.34
CA SER D 57 -31.73 -34.87 -12.12
C SER D 57 -32.32 -35.15 -10.74
N MET D 58 -33.32 -34.34 -10.38
CA MET D 58 -33.98 -34.46 -9.08
C MET D 58 -35.49 -34.69 -9.20
N GLN D 59 -35.93 -35.04 -10.41
CA GLN D 59 -37.35 -35.30 -10.69
C GLN D 59 -38.25 -34.11 -10.32
N LEU D 60 -37.72 -32.90 -10.47
CA LEU D 60 -38.50 -31.69 -10.18
C LEU D 60 -39.47 -31.40 -11.30
N ALA D 61 -40.69 -30.98 -10.95
CA ALA D 61 -41.67 -30.60 -11.94
C ALA D 61 -42.29 -29.25 -11.60
N GLY D 62 -43.03 -28.70 -12.53
CA GLY D 62 -43.69 -27.42 -12.34
C GLY D 62 -43.19 -26.51 -13.40
N GLU D 63 -43.53 -25.23 -13.29
CA GLU D 63 -43.05 -24.24 -14.23
C GLU D 63 -41.87 -23.48 -13.60
N ILE D 64 -41.07 -22.86 -14.46
CA ILE D 64 -39.90 -22.10 -14.01
C ILE D 64 -40.39 -20.89 -13.21
N PRO D 65 -40.05 -20.80 -11.91
CA PRO D 65 -40.72 -19.83 -11.03
C PRO D 65 -40.22 -18.38 -11.11
N GLU D 66 -41.11 -17.44 -10.79
CA GLU D 66 -40.78 -16.01 -10.75
C GLU D 66 -39.76 -15.66 -9.63
N SER D 67 -39.77 -16.48 -8.58
CA SER D 67 -38.82 -16.43 -7.46
C SER D 67 -37.36 -16.27 -7.88
N LEU D 68 -37.02 -16.73 -9.07
CA LEU D 68 -35.65 -16.67 -9.56
C LEU D 68 -35.15 -15.23 -9.67
N LYS D 69 -36.06 -14.28 -9.87
CA LYS D 69 -35.65 -12.88 -9.95
C LYS D 69 -35.03 -12.34 -8.63
N LEU D 70 -35.38 -12.98 -7.52
CA LEU D 70 -34.87 -12.59 -6.20
C LEU D 70 -33.43 -13.08 -5.97
N CYS D 71 -32.96 -14.04 -6.77
CA CYS D 71 -31.52 -14.37 -6.80
C CYS D 71 -30.89 -13.36 -7.72
N ARG D 72 -30.57 -12.19 -7.16
CA ARG D 72 -30.19 -11.02 -7.94
C ARG D 72 -28.74 -11.07 -8.48
N SER D 73 -27.95 -12.00 -7.97
CA SER D 73 -26.56 -12.19 -8.37
C SER D 73 -26.27 -13.52 -9.08
N LEU D 74 -27.29 -14.22 -9.58
CA LEU D 74 -27.11 -15.56 -10.19
C LEU D 74 -26.46 -15.48 -11.58
N GLN D 75 -25.48 -16.36 -11.79
CA GLN D 75 -24.79 -16.43 -13.08
C GLN D 75 -24.95 -17.79 -13.76
N SER D 76 -25.19 -18.85 -12.99
CA SER D 76 -25.29 -20.19 -13.56
C SER D 76 -26.53 -20.92 -13.03
N LEU D 77 -27.42 -21.35 -13.93
CA LEU D 77 -28.65 -22.05 -13.53
C LEU D 77 -28.73 -23.37 -14.29
N ASP D 78 -28.58 -24.47 -13.55
CA ASP D 78 -28.65 -25.82 -14.11
C ASP D 78 -29.83 -26.58 -13.47
N LEU D 79 -30.92 -26.68 -14.23
CA LEU D 79 -32.12 -27.44 -13.87
C LEU D 79 -32.32 -28.60 -14.84
N SER D 80 -31.24 -29.13 -15.39
CA SER D 80 -31.32 -30.15 -16.45
C SER D 80 -31.73 -31.53 -15.91
N GLY D 81 -32.38 -32.30 -16.79
CA GLY D 81 -32.79 -33.67 -16.47
C GLY D 81 -33.89 -33.79 -15.43
N ASN D 82 -34.77 -32.78 -15.38
CA ASN D 82 -35.94 -32.77 -14.50
C ASN D 82 -37.20 -32.94 -15.37
N ASP D 83 -38.39 -32.66 -14.83
CA ASP D 83 -39.66 -32.78 -15.56
C ASP D 83 -40.41 -31.47 -15.66
N LEU D 84 -39.68 -30.38 -15.83
CA LEU D 84 -40.29 -29.04 -15.90
C LEU D 84 -41.11 -28.87 -17.19
N SER D 85 -42.22 -28.15 -17.07
CA SER D 85 -43.13 -27.93 -18.17
C SER D 85 -43.59 -26.47 -18.21
N GLY D 86 -44.49 -26.17 -19.12
CA GLY D 86 -44.86 -24.79 -19.40
C GLY D 86 -43.86 -24.32 -20.42
N SER D 87 -43.83 -23.01 -20.64
CA SER D 87 -42.84 -22.43 -21.55
C SER D 87 -41.65 -21.83 -20.78
N ILE D 88 -40.62 -21.45 -21.51
CA ILE D 88 -39.52 -20.64 -20.98
C ILE D 88 -40.09 -19.24 -20.78
N PRO D 89 -40.23 -18.78 -19.52
CA PRO D 89 -40.92 -17.49 -19.33
C PRO D 89 -40.20 -16.35 -20.04
N SER D 90 -40.95 -15.51 -20.75
CA SER D 90 -40.35 -14.46 -21.56
C SER D 90 -39.66 -13.39 -20.72
N GLN D 91 -40.00 -13.32 -19.43
CA GLN D 91 -39.35 -12.42 -18.45
C GLN D 91 -38.02 -12.94 -17.89
N ILE D 92 -37.62 -14.16 -18.25
CA ILE D 92 -36.49 -14.84 -17.59
C ILE D 92 -35.19 -14.04 -17.58
N CYS D 93 -34.94 -13.34 -18.67
CA CYS D 93 -33.72 -12.57 -18.84
C CYS D 93 -33.76 -11.20 -18.17
N SER D 94 -34.96 -10.73 -17.83
CA SER D 94 -35.18 -9.62 -16.90
C SER D 94 -35.07 -10.07 -15.41
N TRP D 95 -35.52 -11.30 -15.10
CA TRP D 95 -35.38 -11.87 -13.76
C TRP D 95 -33.93 -12.12 -13.37
N LEU D 96 -33.19 -12.72 -14.29
CA LEU D 96 -31.78 -13.06 -14.08
C LEU D 96 -30.93 -12.40 -15.18
N PRO D 97 -30.63 -11.10 -15.01
CA PRO D 97 -29.97 -10.36 -16.09
C PRO D 97 -28.52 -10.79 -16.31
N TYR D 98 -27.92 -11.37 -15.27
CA TYR D 98 -26.49 -11.68 -15.26
C TYR D 98 -26.24 -13.17 -15.47
N LEU D 99 -27.18 -13.87 -16.12
CA LEU D 99 -26.99 -15.30 -16.40
C LEU D 99 -25.90 -15.47 -17.44
N VAL D 100 -25.04 -16.45 -17.18
CA VAL D 100 -23.88 -16.77 -18.00
C VAL D 100 -24.07 -18.15 -18.60
N THR D 101 -24.52 -19.10 -17.79
CA THR D 101 -24.87 -20.45 -18.24
C THR D 101 -26.32 -20.77 -17.86
N LEU D 102 -27.13 -21.12 -18.85
CA LEU D 102 -28.52 -21.56 -18.63
C LEU D 102 -28.67 -22.96 -19.20
N ASP D 103 -28.87 -23.95 -18.32
CA ASP D 103 -29.02 -25.34 -18.73
C ASP D 103 -30.38 -25.89 -18.28
N LEU D 104 -31.31 -25.99 -19.24
CA LEU D 104 -32.66 -26.46 -19.03
C LEU D 104 -32.94 -27.67 -19.91
N SER D 105 -31.88 -28.39 -20.29
CA SER D 105 -32.00 -29.57 -21.13
C SER D 105 -32.62 -30.74 -20.37
N GLY D 106 -33.25 -31.65 -21.13
CA GLY D 106 -33.81 -32.88 -20.58
C GLY D 106 -35.05 -32.64 -19.72
N ASN D 107 -35.87 -31.65 -20.09
CA ASN D 107 -37.13 -31.34 -19.40
C ASN D 107 -38.29 -31.50 -20.37
N LYS D 108 -39.45 -30.93 -20.07
CA LYS D 108 -40.62 -31.04 -20.94
C LYS D 108 -41.21 -29.68 -21.29
N LEU D 109 -40.33 -28.73 -21.51
CA LEU D 109 -40.71 -27.35 -21.75
C LEU D 109 -41.27 -27.20 -23.17
N GLY D 110 -42.47 -26.63 -23.30
CA GLY D 110 -43.10 -26.37 -24.60
C GLY D 110 -43.03 -24.91 -24.99
N GLY D 111 -43.80 -24.52 -26.00
CA GLY D 111 -43.81 -23.15 -26.48
C GLY D 111 -42.58 -22.87 -27.32
N SER D 112 -42.35 -21.60 -27.62
CA SER D 112 -41.20 -21.22 -28.44
C SER D 112 -40.17 -20.49 -27.61
N ILE D 113 -38.98 -20.40 -28.18
CA ILE D 113 -37.85 -19.78 -27.52
C ILE D 113 -38.09 -18.28 -27.54
N PRO D 114 -38.21 -17.64 -26.36
CA PRO D 114 -38.58 -16.23 -26.37
C PRO D 114 -37.51 -15.35 -27.02
N THR D 115 -37.94 -14.30 -27.71
CA THR D 115 -37.03 -13.35 -28.34
C THR D 115 -36.33 -12.48 -27.29
N GLN D 116 -36.87 -12.44 -26.07
CA GLN D 116 -36.30 -11.71 -24.93
C GLN D 116 -35.01 -12.34 -24.39
N ILE D 117 -34.63 -13.50 -24.93
CA ILE D 117 -33.38 -14.15 -24.54
C ILE D 117 -32.15 -13.28 -24.82
N VAL D 118 -32.24 -12.36 -25.80
CA VAL D 118 -31.13 -11.39 -26.04
C VAL D 118 -30.80 -10.53 -24.83
N GLU D 119 -31.79 -10.31 -23.96
CA GLU D 119 -31.61 -9.41 -22.81
C GLU D 119 -30.70 -9.97 -21.70
N CYS D 120 -30.40 -11.28 -21.75
CA CYS D 120 -29.30 -11.86 -20.97
C CYS D 120 -28.04 -11.65 -21.80
N LYS D 121 -27.48 -10.44 -21.75
CA LYS D 121 -26.44 -10.06 -22.69
C LYS D 121 -25.15 -10.86 -22.53
N PHE D 122 -24.91 -11.40 -21.33
CA PHE D 122 -23.63 -12.05 -21.01
C PHE D 122 -23.71 -13.57 -21.04
N LEU D 123 -24.68 -14.11 -21.78
CA LEU D 123 -24.88 -15.57 -21.82
C LEU D 123 -23.78 -16.20 -22.66
N ASN D 124 -23.03 -17.12 -22.05
CA ASN D 124 -22.02 -17.93 -22.73
C ASN D 124 -22.65 -19.23 -23.24
N ALA D 125 -23.48 -19.87 -22.41
CA ALA D 125 -24.08 -21.17 -22.73
C ALA D 125 -25.61 -21.18 -22.58
N LEU D 126 -26.29 -21.61 -23.63
CA LEU D 126 -27.75 -21.82 -23.64
C LEU D 126 -28.01 -23.27 -24.02
N ILE D 127 -28.38 -24.10 -23.03
CA ILE D 127 -28.53 -25.54 -23.22
C ILE D 127 -29.99 -25.92 -23.04
N LEU D 128 -30.70 -26.14 -24.16
CA LEU D 128 -32.15 -26.36 -24.16
C LEU D 128 -32.53 -27.65 -24.89
N SER D 129 -31.57 -28.55 -25.04
CA SER D 129 -31.80 -29.77 -25.78
C SER D 129 -32.77 -30.71 -25.03
N ASP D 130 -33.46 -31.57 -25.77
CA ASP D 130 -34.39 -32.57 -25.22
C ASP D 130 -35.49 -31.97 -24.34
N ASN D 131 -36.24 -31.07 -24.96
CA ASN D 131 -37.45 -30.48 -24.40
C ASN D 131 -38.56 -30.69 -25.45
N LYS D 132 -39.66 -29.95 -25.34
CA LYS D 132 -40.73 -30.03 -26.36
C LYS D 132 -40.92 -28.67 -27.06
N LEU D 133 -39.84 -27.95 -27.27
CA LEU D 133 -39.94 -26.60 -27.80
C LEU D 133 -40.34 -26.61 -29.29
N SER D 134 -41.18 -25.66 -29.68
CA SER D 134 -41.76 -25.58 -31.02
C SER D 134 -41.55 -24.18 -31.63
N GLY D 135 -42.04 -23.97 -32.84
CA GLY D 135 -41.95 -22.67 -33.50
C GLY D 135 -40.59 -22.37 -34.10
N SER D 136 -40.38 -21.09 -34.40
CA SER D 136 -39.18 -20.64 -35.10
C SER D 136 -38.10 -20.16 -34.11
N ILE D 137 -36.84 -20.44 -34.42
CA ILE D 137 -35.69 -20.04 -33.60
C ILE D 137 -35.48 -18.55 -33.81
N PRO D 138 -35.56 -17.74 -32.74
CA PRO D 138 -35.49 -16.31 -32.93
C PRO D 138 -34.12 -15.83 -33.37
N SER D 139 -34.08 -14.98 -34.40
CA SER D 139 -32.79 -14.49 -34.91
C SER D 139 -32.11 -13.54 -33.92
N GLN D 140 -32.85 -13.12 -32.89
CA GLN D 140 -32.29 -12.39 -31.77
C GLN D 140 -31.10 -13.11 -31.10
N LEU D 141 -31.14 -14.44 -31.05
CA LEU D 141 -30.07 -15.22 -30.40
C LEU D 141 -28.67 -14.97 -30.98
N SER D 142 -28.60 -14.56 -32.24
CA SER D 142 -27.34 -14.20 -32.91
C SER D 142 -26.67 -12.98 -32.27
N ARG D 143 -27.50 -12.04 -31.81
CA ARG D 143 -27.02 -10.83 -31.15
C ARG D 143 -26.65 -10.98 -29.65
N LEU D 144 -26.76 -12.19 -29.11
CA LEU D 144 -26.16 -12.50 -27.81
C LEU D 144 -24.65 -12.43 -27.94
N ASP D 145 -24.09 -11.43 -27.27
CA ASP D 145 -22.70 -10.99 -27.47
C ASP D 145 -21.66 -12.13 -27.30
N ARG D 146 -21.74 -12.84 -26.18
CA ARG D 146 -20.72 -13.83 -25.78
C ARG D 146 -21.16 -15.30 -25.92
N LEU D 147 -22.25 -15.55 -26.63
CA LEU D 147 -22.79 -16.93 -26.76
C LEU D 147 -21.82 -17.89 -27.48
N ARG D 148 -21.15 -18.75 -26.72
CA ARG D 148 -20.21 -19.73 -27.29
C ARG D 148 -20.81 -21.12 -27.46
N ARG D 149 -21.79 -21.46 -26.63
CA ARG D 149 -22.48 -22.77 -26.74
C ARG D 149 -24.01 -22.64 -26.87
N LEU D 150 -24.56 -23.29 -27.88
CA LEU D 150 -26.01 -23.28 -28.13
C LEU D 150 -26.43 -24.70 -28.44
N SER D 151 -27.28 -25.26 -27.61
CA SER D 151 -27.73 -26.64 -27.80
C SER D 151 -29.27 -26.75 -27.86
N LEU D 152 -29.82 -26.87 -29.07
CA LEU D 152 -31.28 -26.92 -29.27
C LEU D 152 -31.75 -28.23 -29.89
N ALA D 153 -30.95 -29.30 -29.75
CA ALA D 153 -31.27 -30.58 -30.33
C ALA D 153 -32.39 -31.32 -29.58
N GLY D 154 -33.10 -32.19 -30.29
CA GLY D 154 -34.15 -33.02 -29.68
C GLY D 154 -35.40 -32.29 -29.25
N ASN D 155 -35.82 -31.30 -30.01
CA ASN D 155 -36.99 -30.49 -29.71
C ASN D 155 -38.00 -30.69 -30.85
N ASP D 156 -39.03 -29.84 -30.94
CA ASP D 156 -39.94 -29.84 -32.09
C ASP D 156 -39.87 -28.54 -32.91
N LEU D 157 -38.67 -27.99 -33.04
CA LEU D 157 -38.49 -26.68 -33.68
C LEU D 157 -38.71 -26.74 -35.20
N SER D 158 -39.20 -25.65 -35.78
CA SER D 158 -39.56 -25.64 -37.20
C SER D 158 -39.12 -24.35 -37.92
N GLY D 159 -39.30 -24.32 -39.22
CA GLY D 159 -38.93 -23.15 -40.02
C GLY D 159 -37.47 -23.19 -40.44
N THR D 160 -36.89 -22.01 -40.68
CA THR D 160 -35.52 -21.92 -41.14
C THR D 160 -34.66 -21.44 -40.00
N ILE D 161 -33.47 -22.02 -39.87
CA ILE D 161 -32.48 -21.56 -38.90
C ILE D 161 -32.05 -20.15 -39.31
N PRO D 162 -32.01 -19.18 -38.35
CA PRO D 162 -31.51 -17.84 -38.66
C PRO D 162 -30.11 -17.87 -39.27
N SER D 163 -29.94 -17.14 -40.37
CA SER D 163 -28.67 -17.05 -41.13
C SER D 163 -27.43 -16.82 -40.24
N GLU D 164 -27.63 -16.00 -39.22
CA GLU D 164 -26.58 -15.52 -38.36
C GLU D 164 -26.12 -16.59 -37.33
N LEU D 165 -26.94 -17.63 -37.13
CA LEU D 165 -26.59 -18.74 -36.23
C LEU D 165 -25.81 -19.88 -36.90
N ALA D 166 -25.41 -19.68 -38.15
CA ALA D 166 -24.71 -20.71 -38.91
C ALA D 166 -23.33 -21.10 -38.34
N ARG D 167 -22.76 -20.25 -37.50
CA ARG D 167 -21.47 -20.55 -36.85
C ARG D 167 -21.54 -21.82 -35.97
N PHE D 168 -22.73 -22.14 -35.46
CA PHE D 168 -22.91 -23.36 -34.67
C PHE D 168 -22.95 -24.61 -35.53
N GLY D 169 -22.73 -25.75 -34.90
CA GLY D 169 -22.69 -27.04 -35.58
C GLY D 169 -24.04 -27.66 -35.86
N GLY D 170 -24.01 -28.81 -36.54
CA GLY D 170 -25.22 -29.54 -36.87
C GLY D 170 -25.82 -30.23 -35.66
N ASP D 171 -24.98 -30.77 -34.79
CA ASP D 171 -25.44 -31.49 -33.59
C ASP D 171 -26.19 -30.58 -32.62
N ASP D 172 -26.02 -29.28 -32.78
CA ASP D 172 -26.75 -28.29 -31.99
C ASP D 172 -28.25 -28.19 -32.34
N PHE D 173 -28.59 -28.44 -33.61
CA PHE D 173 -29.98 -28.32 -34.10
C PHE D 173 -30.59 -29.67 -34.54
N SER D 174 -29.91 -30.77 -34.25
CA SER D 174 -30.31 -32.10 -34.68
C SER D 174 -31.58 -32.60 -33.98
N GLY D 175 -32.23 -33.60 -34.58
CA GLY D 175 -33.37 -34.27 -33.98
C GLY D 175 -34.62 -33.41 -33.80
N ASN D 176 -34.84 -32.48 -34.72
CA ASN D 176 -36.07 -31.67 -34.76
C ASN D 176 -36.95 -32.10 -35.94
N ASN D 177 -38.22 -31.69 -35.92
CA ASN D 177 -39.14 -32.07 -36.99
C ASN D 177 -38.98 -31.18 -38.22
N GLY D 178 -38.09 -31.59 -39.11
CA GLY D 178 -37.95 -30.93 -40.40
C GLY D 178 -37.44 -29.51 -40.34
N LEU D 179 -36.65 -29.18 -39.31
CA LEU D 179 -35.89 -27.93 -39.29
C LEU D 179 -34.87 -27.98 -40.44
N CYS D 180 -34.72 -26.86 -41.17
CA CYS D 180 -33.80 -26.83 -42.30
C CYS D 180 -32.99 -25.52 -42.37
N GLY D 181 -32.05 -25.49 -43.30
CA GLY D 181 -31.18 -24.35 -43.47
C GLY D 181 -29.87 -24.57 -42.75
N LYS D 182 -28.80 -23.98 -43.29
CA LYS D 182 -27.44 -24.09 -42.75
C LYS D 182 -27.47 -23.72 -41.26
N PRO D 183 -26.80 -24.47 -40.36
CA PRO D 183 -25.90 -25.59 -40.65
C PRO D 183 -26.57 -26.94 -40.94
N LEU D 184 -27.88 -27.04 -40.71
CA LEU D 184 -28.63 -28.26 -40.99
C LEU D 184 -28.84 -28.36 -42.50
N SER D 185 -29.50 -29.45 -42.89
CA SER D 185 -29.70 -29.76 -44.30
C SER D 185 -30.47 -28.68 -45.04
N ARG D 186 -30.16 -28.58 -46.32
CA ARG D 186 -30.75 -27.61 -47.24
C ARG D 186 -32.27 -27.82 -47.32
N CYS D 187 -33.06 -26.74 -47.26
CA CYS D 187 -34.53 -26.85 -47.36
C CYS D 187 -34.92 -27.33 -48.77
N GLY D 188 -35.60 -28.48 -48.84
CA GLY D 188 -35.82 -29.20 -50.10
C GLY D 188 -35.14 -30.55 -49.96
N ALA D 189 -34.28 -30.88 -50.93
CA ALA D 189 -33.49 -32.13 -50.88
C ALA D 189 -34.36 -33.39 -50.78
C1 NAG E . 3.83 12.16 14.83
C2 NAG E . 3.20 13.45 15.37
C3 NAG E . 3.65 13.62 16.83
C4 NAG E . 3.15 12.42 17.64
C5 NAG E . 3.69 11.15 17.02
C6 NAG E . 3.16 9.88 17.71
C7 NAG E . 2.66 15.57 14.27
C8 NAG E . 3.22 16.74 13.53
N2 NAG E . 3.55 14.62 14.58
O3 NAG E . 3.18 14.87 17.36
O4 NAG E . 3.62 12.48 19.01
O5 NAG E . 3.37 11.08 15.63
O6 NAG E . 1.73 9.93 17.87
O7 NAG E . 1.47 15.54 14.56
C1 NAG E . 2.54 12.66 19.96
C2 NAG E . 3.05 12.37 21.37
C3 NAG E . 1.92 12.58 22.39
C4 NAG E . 1.44 14.03 22.25
C5 NAG E . 0.92 14.24 20.81
C6 NAG E . 0.40 15.65 20.56
C7 NAG E . 3.06 9.86 21.40
C8 NAG E . 3.97 8.66 21.46
N2 NAG E . 3.68 11.05 21.46
O3 NAG E . 2.36 12.35 23.75
O4 NAG E . 0.48 14.33 23.28
O5 NAG E . 1.99 13.97 19.88
O6 NAG E . -0.71 15.59 19.67
O7 NAG E . 1.85 9.70 21.26
C1 BMA E . 0.99 15.42 24.10
C2 BMA E . -0.09 16.03 24.99
C3 BMA E . 0.50 17.25 25.71
C4 BMA E . 1.83 16.92 26.42
C5 BMA E . 2.78 16.17 25.49
C6 BMA E . 4.01 15.69 26.25
O2 BMA E . -0.58 15.05 25.91
O3 BMA E . -0.44 17.75 26.67
O4 BMA E . 2.46 18.13 26.88
O5 BMA E . 2.11 15.05 24.91
O6 BMA E . 5.08 15.48 25.32
C1 NAG F . 26.48 0.19 4.14
C2 NAG F . 26.94 0.27 2.68
C3 NAG F . 26.08 -0.67 1.84
C4 NAG F . 26.14 -2.07 2.41
C5 NAG F . 25.86 -2.12 3.91
C6 NAG F . 26.09 -3.49 4.54
C7 NAG F . 27.82 2.52 2.22
C8 NAG F . 27.48 3.85 1.61
N2 NAG F . 26.83 1.62 2.18
O3 NAG F . 26.49 -0.70 0.47
O4 NAG F . 25.13 -2.83 1.74
O5 NAG F . 26.65 -1.16 4.60
O6 NAG F . 27.45 -3.70 4.97
O7 NAG F . 28.93 2.29 2.69
C1 NAG F . 25.67 -3.85 0.88
C2 NAG F . 24.50 -4.74 0.48
C3 NAG F . 24.96 -5.86 -0.43
C4 NAG F . 25.86 -5.34 -1.56
C5 NAG F . 26.90 -4.34 -1.07
C6 NAG F . 27.68 -3.70 -2.22
C7 NAG F . 22.52 -5.19 1.94
C8 NAG F . 21.57 -4.67 0.89
N2 NAG F . 23.84 -5.23 1.69
O3 NAG F . 23.81 -6.50 -1.00
O4 NAG F . 26.52 -6.47 -2.15
O5 NAG F . 26.29 -3.31 -0.28
O6 NAG F . 28.71 -2.86 -1.67
O7 NAG F . 22.09 -5.54 3.03
C1 BMA F . 26.20 -6.69 -3.54
C2 BMA F . 27.37 -7.40 -4.21
C3 BMA F . 27.11 -7.55 -5.72
C4 BMA F . 25.75 -8.22 -5.96
C5 BMA F . 24.64 -7.53 -5.13
C6 BMA F . 23.29 -8.23 -5.25
O2 BMA F . 27.58 -8.68 -3.60
O3 BMA F . 28.17 -8.30 -6.33
O4 BMA F . 25.42 -8.17 -7.35
O5 BMA F . 25.02 -7.46 -3.76
O6 BMA F . 23.27 -9.46 -4.51
C1 NAG G . 10.48 4.04 -13.96
C2 NAG G . 9.30 3.82 -14.90
C3 NAG G . 9.10 2.32 -15.10
C4 NAG G . 10.40 1.60 -15.48
C5 NAG G . 11.56 2.00 -14.56
C6 NAG G . 12.87 1.40 -15.08
C7 NAG G . 7.43 5.43 -14.88
C8 NAG G . 6.16 5.83 -14.19
N2 NAG G . 8.08 4.40 -14.34
O3 NAG G . 8.10 2.10 -16.10
O4 NAG G . 10.16 0.18 -15.39
O5 NAG G . 11.67 3.42 -14.46
O6 NAG G . 13.91 1.55 -14.10
O7 NAG G . 7.82 6.02 -15.88
C1 PEG H . 4.17 27.26 -2.25
C2 PEG H . 5.60 27.58 -2.70
O2 PEG H . 5.70 27.49 -4.13
C3 PEG H . 7.04 27.73 -4.56
C4 PEG H . 7.20 27.77 -6.08
O4 PEG H . 6.17 28.53 -6.74
C1 NAG I . 0.21 33.51 15.77
C2 NAG I . 0.97 33.10 14.50
C3 NAG I . 0.27 33.56 13.22
C4 NAG I . -1.18 33.09 13.21
C5 NAG I . -1.85 33.59 14.49
C6 NAG I . -3.34 33.19 14.55
C7 NAG I . 3.37 33.04 14.94
C8 NAG I . 4.65 33.78 14.74
N2 NAG I . 2.30 33.66 14.47
O3 NAG I . 0.97 33.06 12.05
O4 NAG I . -1.84 33.60 12.04
O5 NAG I . -1.17 33.08 15.65
O6 NAG I . -3.51 31.77 14.56
O7 NAG I . 3.32 31.94 15.51
C1 EDO J . 25.99 15.31 34.08
O1 EDO J . 26.99 15.75 33.13
C2 EDO J . 24.65 15.94 33.74
O2 EDO J . 23.68 15.68 34.77
C1 NAG K . 9.30 -13.70 -6.56
C2 NAG K . 10.30 -13.59 -5.41
C3 NAG K . 11.34 -12.50 -5.67
C4 NAG K . 11.89 -12.56 -7.09
C5 NAG K . 10.78 -12.67 -8.13
C6 NAG K . 11.34 -12.83 -9.53
C7 NAG K . 9.78 -14.07 -3.02
C8 NAG K . 9.04 -13.58 -1.81
N2 NAG K . 9.66 -13.32 -4.13
O3 NAG K . 12.40 -12.68 -4.74
O4 NAG K . 12.68 -11.39 -7.33
O5 NAG K . 9.94 -13.80 -7.83
O6 NAG K . 10.29 -12.64 -10.49
O7 NAG K . 10.45 -15.09 -2.96
C1 NAG L . -7.38 -10.15 -23.84
C2 NAG L . -6.32 -11.23 -24.11
C3 NAG L . -4.92 -10.76 -23.76
C4 NAG L . -4.60 -9.55 -24.60
C5 NAG L . -5.66 -8.47 -24.36
C6 NAG L . -5.35 -7.28 -25.28
C7 NAG L . -7.34 -13.46 -23.90
C8 NAG L . -7.37 -14.71 -23.05
N2 NAG L . -6.57 -12.48 -23.41
O3 NAG L . -3.94 -11.79 -23.98
O4 NAG L . -3.30 -9.07 -24.28
O5 NAG L . -7.01 -8.95 -24.55
O6 NAG L . -3.96 -6.97 -25.19
O7 NAG L . -7.96 -13.36 -24.95
C1 NAG M . -19.15 -4.07 0.62
C2 NAG M . -20.03 -4.39 1.82
C3 NAG M . -21.36 -3.63 1.83
C4 NAG M . -21.15 -2.14 1.58
C5 NAG M . -20.39 -1.96 0.27
C6 NAG M . -20.15 -0.48 -0.06
C7 NAG M . -20.24 -6.55 2.98
C8 NAG M . -20.36 -8.04 2.83
N2 NAG M . -20.24 -5.84 1.85
O3 NAG M . -22.01 -3.80 3.09
O4 NAG M . -22.41 -1.43 1.55
O5 NAG M . -19.13 -2.65 0.35
O6 NAG M . -19.29 0.13 0.91
O7 NAG M . -20.13 -6.03 4.08
C1 EDO N . 9.63 -4.89 1.48
O1 EDO N . 8.99 -5.27 2.72
C2 EDO N . 11.09 -5.36 1.46
O2 EDO N . 11.21 -6.71 1.93
C1 NAG O . -29.73 -18.87 12.79
C2 NAG O . -28.36 -19.33 12.24
C3 NAG O . -27.43 -19.75 13.38
C4 NAG O . -27.32 -18.63 14.43
C5 NAG O . -28.72 -18.22 14.91
C6 NAG O . -28.70 -17.06 15.94
C7 NAG O . -28.64 -20.25 9.96
C8 NAG O . -28.73 -21.50 9.13
N2 NAG O . -28.50 -20.43 11.29
O3 NAG O . -26.14 -20.11 12.86
O4 NAG O . -26.53 -19.05 15.57
O5 NAG O . -29.53 -17.85 13.78
O6 NAG O . -28.14 -15.85 15.41
O7 NAG O . -28.69 -19.15 9.44
#